data_1V3U
#
_entry.id   1V3U
#
_cell.length_a   58.486
_cell.length_b   74.591
_cell.length_c   79.296
_cell.angle_alpha   90.00
_cell.angle_beta   102.05
_cell.angle_gamma   90.00
#
_symmetry.space_group_name_H-M   'P 1 21 1'
#
loop_
_entity.id
_entity.type
_entity.pdbx_description
1 polymer 'leukotriene b4 12-hydroxydehydrogenase/prostaglandin 15-keto reductase'
2 non-polymer 'CHLORIDE ION'
3 water water
#
_entity_poly.entity_id   1
_entity_poly.type   'polypeptide(L)'
_entity_poly.pdbx_seq_one_letter_code
;SPEFMVKAKSWTLKKHFQGKPTQSDFELKTVELPPLKNGEVLLEALFLSVDPYMRIASKRLKEGAVMMGQQVARVVESKN
SAFPAGSIVLAQSGWTTHFISDGKGLEKLLTEWPDKLPLSLALGTIGMPGLTAYFGLLEVCGVKGGETVLVSAAAGAVGS
VVGQIAKLKGCKVVGAAGSDEKIAYLKQIGFDAAFNYKTVNSLEEALKKASPDGYDCYFDNVGGEFLNTVLSQMKDFGKI
AICGAISVYNRMDQLPPGPSPESIIYKQLRIEGFIVYRWQGDVREKALRDLMKWVLEGKIQYHEHVTKGFENMPAAFIEM
LNGANLGKAVVTA
;
_entity_poly.pdbx_strand_id   A,B
#
# COMPACT_ATOMS: atom_id res chain seq x y z
N PHE A 4 -32.22 -43.75 -20.97
CA PHE A 4 -30.76 -43.57 -21.28
C PHE A 4 -30.17 -42.61 -20.26
N MET A 5 -29.27 -43.12 -19.43
CA MET A 5 -28.65 -42.31 -18.40
C MET A 5 -27.43 -41.50 -18.83
N VAL A 6 -27.21 -40.39 -18.14
CA VAL A 6 -26.09 -39.51 -18.44
C VAL A 6 -24.93 -39.75 -17.49
N LYS A 7 -23.72 -39.71 -18.05
CA LYS A 7 -22.52 -39.94 -17.26
C LYS A 7 -21.72 -38.65 -17.17
N ALA A 8 -21.53 -38.17 -15.95
CA ALA A 8 -20.79 -36.95 -15.71
C ALA A 8 -19.31 -37.22 -15.45
N LYS A 9 -18.46 -36.61 -16.25
CA LYS A 9 -17.01 -36.75 -16.09
C LYS A 9 -16.52 -35.53 -15.34
N SER A 10 -15.75 -35.74 -14.27
CA SER A 10 -15.24 -34.64 -13.48
C SER A 10 -13.76 -34.73 -13.14
N TRP A 11 -13.09 -33.57 -13.13
CA TRP A 11 -11.69 -33.51 -12.80
C TRP A 11 -11.53 -33.21 -11.32
N THR A 12 -10.99 -34.20 -10.60
CA THR A 12 -10.76 -34.06 -9.16
C THR A 12 -9.27 -33.81 -8.90
N LEU A 13 -8.99 -33.10 -7.82
CA LEU A 13 -7.62 -32.79 -7.42
C LEU A 13 -7.08 -34.04 -6.74
N LYS A 14 -6.07 -34.66 -7.36
CA LYS A 14 -5.50 -35.89 -6.81
C LYS A 14 -4.55 -35.61 -5.63
N LYS A 15 -3.60 -34.71 -5.83
CA LYS A 15 -2.65 -34.37 -4.77
C LYS A 15 -2.77 -32.89 -4.37
N PRO A 21 1.50 -26.67 -11.29
CA PRO A 21 0.84 -27.98 -11.26
C PRO A 21 1.23 -28.90 -12.43
N THR A 22 0.87 -30.18 -12.28
CA THR A 22 1.17 -31.19 -13.27
C THR A 22 -0.03 -32.11 -13.48
N GLN A 23 -0.10 -32.71 -14.66
CA GLN A 23 -1.19 -33.62 -15.03
C GLN A 23 -1.47 -34.69 -13.99
N SER A 24 -0.41 -35.25 -13.43
CA SER A 24 -0.52 -36.31 -12.42
C SER A 24 -1.28 -35.91 -11.17
N ASP A 25 -1.40 -34.62 -10.91
CA ASP A 25 -2.11 -34.13 -9.72
C ASP A 25 -3.61 -33.94 -9.98
N PHE A 26 -4.06 -34.47 -11.11
CA PHE A 26 -5.47 -34.39 -11.50
C PHE A 26 -5.94 -35.81 -11.82
N GLU A 27 -7.16 -36.14 -11.38
CA GLU A 27 -7.73 -37.45 -11.62
C GLU A 27 -9.18 -37.35 -12.08
N LEU A 28 -9.46 -37.90 -13.26
CA LEU A 28 -10.79 -37.88 -13.84
C LEU A 28 -11.67 -38.98 -13.24
N LYS A 29 -12.86 -38.59 -12.79
CA LYS A 29 -13.82 -39.55 -12.21
C LYS A 29 -15.11 -39.51 -13.04
N THR A 30 -15.78 -40.65 -13.14
CA THR A 30 -17.02 -40.74 -13.90
C THR A 30 -18.13 -41.33 -13.03
N VAL A 31 -19.30 -40.72 -13.08
CA VAL A 31 -20.42 -41.19 -12.30
C VAL A 31 -21.72 -41.07 -13.09
N GLU A 32 -22.64 -42.02 -12.87
CA GLU A 32 -23.92 -41.99 -13.54
C GLU A 32 -24.84 -41.11 -12.71
N LEU A 33 -25.33 -40.02 -13.31
CA LEU A 33 -26.21 -39.11 -12.60
C LEU A 33 -27.61 -39.71 -12.42
N PRO A 34 -28.23 -39.49 -11.25
CA PRO A 34 -29.56 -39.99 -10.94
C PRO A 34 -30.64 -39.16 -11.66
N PRO A 35 -31.88 -39.66 -11.70
CA PRO A 35 -32.96 -38.91 -12.36
C PRO A 35 -33.25 -37.58 -11.66
N LEU A 36 -33.79 -36.62 -12.40
CA LEU A 36 -34.10 -35.33 -11.81
C LEU A 36 -35.30 -35.38 -10.88
N LYS A 37 -35.19 -34.64 -9.78
CA LYS A 37 -36.28 -34.54 -8.81
C LYS A 37 -36.93 -33.19 -9.12
N ASN A 38 -38.14 -32.95 -8.62
CA ASN A 38 -38.80 -31.68 -8.88
C ASN A 38 -37.94 -30.49 -8.46
N GLY A 39 -37.90 -29.46 -9.30
CA GLY A 39 -37.11 -28.28 -9.00
C GLY A 39 -35.67 -28.34 -9.49
N GLU A 40 -35.27 -29.47 -10.06
CA GLU A 40 -33.90 -29.63 -10.55
C GLU A 40 -33.74 -29.54 -12.07
N VAL A 41 -32.50 -29.35 -12.50
CA VAL A 41 -32.17 -29.24 -13.92
C VAL A 41 -30.87 -30.00 -14.22
N LEU A 42 -30.82 -30.63 -15.39
CA LEU A 42 -29.66 -31.37 -15.85
C LEU A 42 -28.92 -30.46 -16.84
N LEU A 43 -27.65 -30.17 -16.54
CA LEU A 43 -26.87 -29.29 -17.41
C LEU A 43 -25.69 -29.96 -18.09
N GLU A 44 -25.39 -29.50 -19.30
CA GLU A 44 -24.30 -30.06 -20.08
C GLU A 44 -23.35 -28.92 -20.37
N ALA A 45 -22.11 -29.07 -19.92
CA ALA A 45 -21.09 -28.04 -20.15
C ALA A 45 -20.87 -27.77 -21.63
N LEU A 46 -20.79 -26.48 -21.98
CA LEU A 46 -20.51 -26.09 -23.36
C LEU A 46 -19.09 -25.51 -23.41
N PHE A 47 -18.81 -24.58 -22.50
CA PHE A 47 -17.51 -23.92 -22.41
C PHE A 47 -17.12 -23.86 -20.94
N LEU A 48 -15.91 -24.32 -20.63
CA LEU A 48 -15.45 -24.29 -19.25
C LEU A 48 -14.27 -23.35 -19.11
N SER A 49 -14.20 -22.67 -17.98
CA SER A 49 -13.13 -21.73 -17.74
C SER A 49 -12.02 -22.30 -16.85
N VAL A 50 -10.81 -21.80 -17.09
CA VAL A 50 -9.65 -22.13 -16.26
C VAL A 50 -9.07 -20.75 -15.98
N ASP A 51 -8.86 -20.45 -14.70
CA ASP A 51 -8.35 -19.14 -14.29
C ASP A 51 -7.18 -19.21 -13.31
N PRO A 52 -6.38 -18.13 -13.23
CA PRO A 52 -5.23 -18.09 -12.32
C PRO A 52 -5.62 -18.25 -10.85
N TYR A 53 -6.77 -17.69 -10.46
CA TYR A 53 -7.26 -17.76 -9.09
C TYR A 53 -7.44 -19.19 -8.56
N MET A 54 -7.60 -20.14 -9.48
CA MET A 54 -7.80 -21.53 -9.11
C MET A 54 -6.59 -22.13 -8.38
N ARG A 55 -5.40 -21.81 -8.87
CA ARG A 55 -4.15 -22.31 -8.26
C ARG A 55 -4.13 -22.08 -6.75
N ILE A 56 -4.67 -20.95 -6.33
CA ILE A 56 -4.73 -20.59 -4.91
C ILE A 56 -5.92 -21.24 -4.20
N ALA A 57 -7.10 -21.14 -4.81
CA ALA A 57 -8.32 -21.70 -4.24
C ALA A 57 -8.24 -23.22 -3.99
N SER A 58 -7.30 -23.87 -4.67
CA SER A 58 -7.10 -25.31 -4.54
C SER A 58 -6.67 -25.70 -3.12
N LYS A 59 -6.28 -24.69 -2.33
CA LYS A 59 -5.84 -24.88 -0.95
C LYS A 59 -6.78 -25.67 -0.05
N ARG A 60 -7.93 -25.08 0.26
CA ARG A 60 -8.91 -25.72 1.14
C ARG A 60 -9.71 -26.82 0.45
N LEU A 61 -9.22 -27.26 -0.70
CA LEU A 61 -9.86 -28.32 -1.47
C LEU A 61 -9.26 -29.67 -1.05
N LYS A 62 -9.97 -30.39 -0.19
CA LYS A 62 -9.51 -31.70 0.25
C LYS A 62 -9.44 -32.62 -0.96
N GLU A 63 -8.30 -33.27 -1.14
CA GLU A 63 -8.08 -34.16 -2.28
C GLU A 63 -9.24 -35.10 -2.56
N GLY A 64 -9.49 -35.35 -3.84
CA GLY A 64 -10.57 -36.22 -4.25
C GLY A 64 -11.77 -35.39 -4.72
N ALA A 65 -11.78 -34.12 -4.31
CA ALA A 65 -12.84 -33.19 -4.67
C ALA A 65 -12.70 -32.64 -6.08
N VAL A 66 -13.84 -32.32 -6.70
CA VAL A 66 -13.87 -31.77 -8.06
C VAL A 66 -13.33 -30.34 -8.02
N MET A 67 -12.47 -30.01 -8.99
CA MET A 67 -11.88 -28.66 -9.08
C MET A 67 -12.97 -27.59 -9.22
N MET A 68 -12.72 -26.41 -8.65
CA MET A 68 -13.68 -25.32 -8.73
C MET A 68 -13.57 -24.62 -10.07
N GLY A 69 -14.69 -24.06 -10.53
CA GLY A 69 -14.67 -23.36 -11.79
C GLY A 69 -16.05 -22.95 -12.25
N GLN A 70 -16.07 -21.98 -13.15
CA GLN A 70 -17.30 -21.50 -13.71
C GLN A 70 -17.38 -22.04 -15.15
N GLN A 71 -18.60 -22.21 -15.64
CA GLN A 71 -18.79 -22.68 -16.99
C GLN A 71 -20.10 -22.18 -17.58
N VAL A 72 -20.15 -22.17 -18.91
CA VAL A 72 -21.37 -21.81 -19.63
C VAL A 72 -21.92 -23.18 -20.01
N ALA A 73 -23.16 -23.46 -19.60
CA ALA A 73 -23.79 -24.74 -19.87
C ALA A 73 -25.22 -24.62 -20.39
N ARG A 74 -25.67 -25.65 -21.11
CA ARG A 74 -27.02 -25.68 -21.65
C ARG A 74 -27.89 -26.61 -20.81
N VAL A 75 -29.13 -26.21 -20.60
CA VAL A 75 -30.08 -27.04 -19.86
C VAL A 75 -30.58 -28.12 -20.85
N VAL A 76 -30.27 -29.38 -20.56
CA VAL A 76 -30.67 -30.51 -21.40
C VAL A 76 -32.07 -31.00 -21.02
N GLU A 77 -32.30 -31.16 -19.71
CA GLU A 77 -33.57 -31.60 -19.18
C GLU A 77 -33.87 -30.71 -18.00
N SER A 78 -35.15 -30.45 -17.75
CA SER A 78 -35.52 -29.57 -16.64
C SER A 78 -36.85 -29.82 -15.94
N LYS A 79 -36.82 -29.65 -14.62
CA LYS A 79 -37.98 -29.74 -13.74
C LYS A 79 -37.95 -28.45 -12.91
N ASN A 80 -37.37 -27.41 -13.51
CA ASN A 80 -37.28 -26.10 -12.86
C ASN A 80 -37.76 -25.08 -13.89
N SER A 81 -38.89 -24.46 -13.60
CA SER A 81 -39.49 -23.49 -14.50
C SER A 81 -38.66 -22.25 -14.79
N ALA A 82 -37.68 -21.95 -13.94
CA ALA A 82 -36.82 -20.79 -14.17
C ALA A 82 -35.74 -21.10 -15.20
N PHE A 83 -35.46 -22.39 -15.36
CA PHE A 83 -34.45 -22.88 -16.27
C PHE A 83 -34.98 -23.93 -17.25
N PRO A 84 -35.75 -23.51 -18.26
CA PRO A 84 -36.33 -24.39 -19.26
C PRO A 84 -35.25 -25.07 -20.09
N ALA A 85 -35.58 -26.25 -20.61
CA ALA A 85 -34.66 -27.01 -21.45
C ALA A 85 -34.25 -26.11 -22.61
N GLY A 86 -32.97 -26.13 -22.93
CA GLY A 86 -32.46 -25.29 -24.00
C GLY A 86 -31.88 -23.98 -23.49
N SER A 87 -32.18 -23.62 -22.24
CA SER A 87 -31.64 -22.40 -21.63
C SER A 87 -30.13 -22.50 -21.57
N ILE A 88 -29.46 -21.35 -21.56
CA ILE A 88 -28.00 -21.30 -21.45
C ILE A 88 -27.74 -20.60 -20.12
N VAL A 89 -26.87 -21.18 -19.30
CA VAL A 89 -26.60 -20.58 -18.01
C VAL A 89 -25.12 -20.55 -17.66
N LEU A 90 -24.80 -19.69 -16.70
CA LEU A 90 -23.48 -19.55 -16.13
C LEU A 90 -23.63 -20.30 -14.82
N ALA A 91 -22.72 -21.21 -14.53
CA ALA A 91 -22.78 -21.99 -13.32
C ALA A 91 -21.41 -22.11 -12.68
N GLN A 92 -21.41 -22.27 -11.36
CA GLN A 92 -20.16 -22.43 -10.61
C GLN A 92 -20.05 -23.91 -10.25
N SER A 93 -20.29 -24.77 -11.24
CA SER A 93 -20.27 -26.21 -11.05
C SER A 93 -18.91 -26.92 -11.04
N GLY A 94 -17.85 -26.21 -11.41
CA GLY A 94 -16.54 -26.84 -11.42
C GLY A 94 -16.23 -27.56 -12.72
N TRP A 95 -15.10 -28.25 -12.76
CA TRP A 95 -14.66 -28.97 -13.96
C TRP A 95 -15.43 -30.28 -14.14
N THR A 96 -16.59 -30.19 -14.77
CA THR A 96 -17.45 -31.35 -15.01
C THR A 96 -18.23 -31.15 -16.31
N THR A 97 -18.54 -32.26 -16.99
CA THR A 97 -19.27 -32.22 -18.25
C THR A 97 -20.77 -32.12 -18.11
N HIS A 98 -21.29 -32.67 -17.01
CA HIS A 98 -22.72 -32.65 -16.73
C HIS A 98 -22.89 -32.54 -15.24
N PHE A 99 -23.99 -31.91 -14.83
CA PHE A 99 -24.28 -31.77 -13.40
C PHE A 99 -25.74 -31.46 -13.15
N ILE A 100 -26.20 -31.82 -11.97
CA ILE A 100 -27.59 -31.57 -11.59
C ILE A 100 -27.57 -30.39 -10.64
N SER A 101 -28.55 -29.52 -10.78
CA SER A 101 -28.62 -28.33 -9.93
C SER A 101 -30.07 -27.98 -9.62
N ASP A 102 -30.31 -27.49 -8.41
CA ASP A 102 -31.65 -27.09 -8.03
C ASP A 102 -31.85 -25.60 -8.33
N GLY A 103 -30.90 -25.05 -9.10
CA GLY A 103 -30.95 -23.65 -9.48
C GLY A 103 -30.09 -22.74 -8.62
N LYS A 104 -29.47 -23.32 -7.58
CA LYS A 104 -28.65 -22.60 -6.61
C LYS A 104 -27.59 -21.65 -7.16
N GLY A 105 -26.57 -22.21 -7.81
CA GLY A 105 -25.51 -21.37 -8.35
C GLY A 105 -25.56 -21.15 -9.85
N LEU A 106 -26.74 -20.80 -10.37
CA LEU A 106 -26.91 -20.57 -11.81
C LEU A 106 -27.27 -19.11 -12.13
N GLU A 107 -26.77 -18.62 -13.27
CA GLU A 107 -27.01 -17.26 -13.78
C GLU A 107 -27.53 -17.37 -15.22
N LYS A 108 -28.54 -16.57 -15.57
CA LYS A 108 -29.17 -16.58 -16.90
C LYS A 108 -28.33 -15.97 -18.03
N LEU A 109 -28.73 -16.25 -19.28
CA LEU A 109 -28.05 -15.71 -20.47
C LEU A 109 -28.97 -15.50 -21.68
N LEU A 110 -28.90 -16.41 -22.66
CA LEU A 110 -29.71 -16.35 -23.89
C LEU A 110 -31.21 -16.34 -23.63
N TRP A 113 -28.56 -11.57 -24.81
CA TRP A 113 -27.23 -11.92 -25.33
C TRP A 113 -27.31 -11.96 -26.86
N PRO A 114 -26.52 -11.13 -27.56
CA PRO A 114 -26.54 -11.11 -29.03
C PRO A 114 -25.96 -12.42 -29.59
N ASP A 115 -26.66 -13.02 -30.56
CA ASP A 115 -26.19 -14.26 -31.19
C ASP A 115 -24.77 -14.11 -31.77
N LYS A 116 -24.40 -12.91 -32.21
CA LYS A 116 -23.09 -12.67 -32.80
C LYS A 116 -21.92 -12.83 -31.81
N LEU A 117 -22.20 -12.75 -30.51
CA LEU A 117 -21.15 -12.89 -29.51
C LEU A 117 -21.05 -14.29 -28.95
N PRO A 118 -19.86 -14.94 -29.04
CA PRO A 118 -19.76 -16.30 -28.51
C PRO A 118 -20.10 -16.32 -27.01
N LEU A 119 -20.87 -17.34 -26.60
CA LEU A 119 -21.31 -17.50 -25.23
C LEU A 119 -20.18 -17.53 -24.22
N SER A 120 -19.02 -18.01 -24.67
CA SER A 120 -17.85 -18.09 -23.80
C SER A 120 -17.32 -16.74 -23.31
N LEU A 121 -17.75 -15.64 -23.94
CA LEU A 121 -17.34 -14.30 -23.50
C LEU A 121 -17.87 -14.02 -22.11
N ALA A 122 -18.93 -14.74 -21.73
CA ALA A 122 -19.52 -14.60 -20.40
C ALA A 122 -18.57 -15.16 -19.33
N LEU A 123 -17.48 -15.81 -19.76
CA LEU A 123 -16.46 -16.33 -18.86
C LEU A 123 -15.21 -15.45 -18.89
N GLY A 124 -15.23 -14.42 -19.75
CA GLY A 124 -14.07 -13.55 -19.89
C GLY A 124 -14.35 -12.07 -19.94
N THR A 125 -14.19 -11.45 -21.11
CA THR A 125 -14.42 -10.02 -21.28
C THR A 125 -15.79 -9.54 -20.82
N ILE A 126 -16.82 -10.33 -21.04
CA ILE A 126 -18.16 -9.94 -20.57
C ILE A 126 -18.45 -10.89 -19.40
N GLY A 127 -17.48 -10.99 -18.50
CA GLY A 127 -17.59 -11.87 -17.35
C GLY A 127 -16.63 -11.46 -16.23
N MET A 128 -16.28 -12.42 -15.37
CA MET A 128 -15.40 -12.18 -14.22
C MET A 128 -14.12 -11.39 -14.55
N PRO A 129 -13.32 -11.87 -15.52
CA PRO A 129 -12.10 -11.12 -15.84
C PRO A 129 -12.41 -9.69 -16.31
N GLY A 130 -13.42 -9.54 -17.16
CA GLY A 130 -13.82 -8.24 -17.65
C GLY A 130 -14.23 -7.31 -16.52
N LEU A 131 -14.97 -7.85 -15.56
CA LEU A 131 -15.41 -7.09 -14.40
C LEU A 131 -14.23 -6.71 -13.49
N THR A 132 -13.26 -7.61 -13.37
CA THR A 132 -12.08 -7.34 -12.55
C THR A 132 -11.37 -6.13 -13.15
N ALA A 133 -11.20 -6.16 -14.46
CA ALA A 133 -10.55 -5.05 -15.19
C ALA A 133 -11.33 -3.74 -15.02
N TYR A 134 -12.66 -3.83 -15.12
CA TYR A 134 -13.56 -2.69 -15.03
C TYR A 134 -13.46 -1.95 -13.68
N PHE A 135 -13.77 -2.64 -12.60
CA PHE A 135 -13.72 -2.02 -11.28
C PHE A 135 -12.28 -1.73 -10.86
N GLY A 136 -11.34 -2.58 -11.28
CA GLY A 136 -9.95 -2.35 -10.93
C GLY A 136 -9.46 -1.02 -11.47
N LEU A 137 -9.79 -0.73 -12.72
CA LEU A 137 -9.36 0.49 -13.37
C LEU A 137 -10.24 1.70 -13.11
N LEU A 138 -11.55 1.53 -13.24
CA LEU A 138 -12.50 2.61 -13.06
C LEU A 138 -12.82 2.96 -11.61
N GLU A 139 -12.72 1.99 -10.71
CA GLU A 139 -13.00 2.29 -9.31
C GLU A 139 -11.78 2.34 -8.42
N VAL A 140 -10.93 1.30 -8.46
CA VAL A 140 -9.75 1.31 -7.59
C VAL A 140 -8.73 2.36 -8.04
N CYS A 141 -8.32 2.32 -9.31
CA CYS A 141 -7.40 3.30 -9.86
C CYS A 141 -8.10 4.66 -10.02
N GLY A 142 -9.39 4.62 -10.31
CA GLY A 142 -10.18 5.83 -10.48
C GLY A 142 -9.88 6.71 -11.69
N VAL A 143 -9.51 6.10 -12.81
CA VAL A 143 -9.18 6.89 -14.00
C VAL A 143 -10.34 7.73 -14.54
N LYS A 144 -10.05 8.98 -14.91
CA LYS A 144 -11.07 9.89 -15.45
C LYS A 144 -10.66 10.43 -16.82
N GLY A 145 -9.48 10.06 -17.29
CA GLY A 145 -9.02 10.53 -18.60
C GLY A 145 -7.76 11.38 -18.58
N GLY A 146 -6.87 11.13 -19.54
CA GLY A 146 -5.64 11.89 -19.61
C GLY A 146 -4.47 11.31 -18.83
N GLU A 147 -4.71 10.29 -18.01
CA GLU A 147 -3.67 9.67 -17.20
C GLU A 147 -2.81 8.67 -17.97
N THR A 148 -1.70 8.29 -17.36
CA THR A 148 -0.82 7.29 -17.94
C THR A 148 -1.02 6.07 -17.05
N VAL A 149 -1.49 4.99 -17.67
CA VAL A 149 -1.77 3.74 -16.98
C VAL A 149 -0.84 2.61 -17.37
N LEU A 150 -0.28 1.95 -16.36
CA LEU A 150 0.59 0.80 -16.57
C LEU A 150 -0.21 -0.46 -16.20
N VAL A 151 -0.08 -1.50 -17.01
CA VAL A 151 -0.76 -2.76 -16.77
C VAL A 151 0.19 -3.94 -16.95
N SER A 152 0.32 -4.79 -15.92
CA SER A 152 1.17 -5.98 -16.02
C SER A 152 0.33 -7.19 -16.46
N ALA A 153 0.98 -8.23 -17.01
CA ALA A 153 0.29 -9.42 -17.55
C ALA A 153 -0.77 -8.84 -18.47
N ALA A 154 -0.36 -7.80 -19.19
CA ALA A 154 -1.23 -7.05 -20.07
C ALA A 154 -1.95 -7.82 -21.17
N ALA A 155 -1.42 -8.99 -21.55
CA ALA A 155 -2.00 -9.80 -22.60
C ALA A 155 -2.94 -10.88 -22.03
N GLY A 156 -3.12 -10.88 -20.72
CA GLY A 156 -3.99 -11.88 -20.09
C GLY A 156 -5.44 -11.43 -20.21
N ALA A 157 -6.34 -12.26 -19.69
CA ALA A 157 -7.77 -11.95 -19.74
C ALA A 157 -8.11 -10.61 -19.09
N VAL A 158 -7.56 -10.34 -17.90
CA VAL A 158 -7.83 -9.08 -17.23
C VAL A 158 -7.07 -7.90 -17.88
N GLY A 159 -5.76 -8.10 -18.03
CA GLY A 159 -4.90 -7.08 -18.62
C GLY A 159 -5.39 -6.51 -19.93
N SER A 160 -5.75 -7.38 -20.86
CA SER A 160 -6.22 -6.94 -22.19
C SER A 160 -7.43 -6.02 -22.09
N VAL A 161 -8.33 -6.30 -21.15
CA VAL A 161 -9.51 -5.45 -20.98
C VAL A 161 -9.16 -4.12 -20.33
N VAL A 162 -8.28 -4.16 -19.33
CA VAL A 162 -7.87 -2.95 -18.63
C VAL A 162 -7.32 -1.94 -19.62
N GLY A 163 -6.39 -2.39 -20.46
CA GLY A 163 -5.78 -1.53 -21.45
C GLY A 163 -6.76 -0.92 -22.43
N GLN A 164 -7.70 -1.72 -22.91
CA GLN A 164 -8.69 -1.22 -23.87
C GLN A 164 -9.67 -0.26 -23.22
N ILE A 165 -10.03 -0.49 -21.96
CA ILE A 165 -10.94 0.45 -21.29
C ILE A 165 -10.18 1.77 -21.05
N ALA A 166 -8.91 1.65 -20.64
CA ALA A 166 -8.09 2.84 -20.41
C ALA A 166 -8.02 3.70 -21.70
N LYS A 167 -7.86 3.03 -22.84
CA LYS A 167 -7.78 3.71 -24.14
C LYS A 167 -9.06 4.47 -24.49
N LEU A 168 -10.20 3.81 -24.31
CA LEU A 168 -11.47 4.45 -24.63
C LEU A 168 -11.78 5.61 -23.69
N LYS A 169 -11.14 5.60 -22.52
CA LYS A 169 -11.33 6.68 -21.54
C LYS A 169 -10.32 7.81 -21.77
N GLY A 170 -9.56 7.72 -22.85
CA GLY A 170 -8.59 8.75 -23.18
C GLY A 170 -7.27 8.79 -22.43
N CYS A 171 -6.82 7.65 -21.94
CA CYS A 171 -5.56 7.57 -21.21
C CYS A 171 -4.45 7.09 -22.12
N LYS A 172 -3.22 7.25 -21.65
CA LYS A 172 -2.04 6.75 -22.37
C LYS A 172 -1.90 5.40 -21.68
N VAL A 173 -1.74 4.34 -22.46
CA VAL A 173 -1.65 3.00 -21.91
C VAL A 173 -0.38 2.23 -22.23
N VAL A 174 0.27 1.74 -21.19
CA VAL A 174 1.51 0.97 -21.31
C VAL A 174 1.26 -0.43 -20.77
N GLY A 175 1.62 -1.43 -21.57
CA GLY A 175 1.43 -2.80 -21.16
C GLY A 175 2.71 -3.59 -21.09
N ALA A 176 2.80 -4.44 -20.07
CA ALA A 176 3.96 -5.30 -19.89
C ALA A 176 3.42 -6.73 -20.04
N ALA A 177 3.98 -7.47 -20.99
CA ALA A 177 3.55 -8.86 -21.25
C ALA A 177 4.72 -9.86 -21.26
N GLY A 178 4.40 -11.14 -21.35
CA GLY A 178 5.43 -12.17 -21.32
C GLY A 178 6.02 -12.79 -22.58
N SER A 179 5.74 -12.23 -23.75
CA SER A 179 6.30 -12.77 -24.99
C SER A 179 6.18 -11.72 -26.06
N ASP A 180 7.00 -11.86 -27.11
CA ASP A 180 6.98 -10.93 -28.23
C ASP A 180 5.68 -11.08 -29.02
N GLU A 181 5.13 -12.30 -29.04
CA GLU A 181 3.87 -12.54 -29.74
C GLU A 181 2.80 -11.67 -29.09
N LYS A 182 2.80 -11.66 -27.76
CA LYS A 182 1.85 -10.87 -26.98
C LYS A 182 2.02 -9.38 -27.20
N ILE A 183 3.27 -8.94 -27.32
CA ILE A 183 3.56 -7.53 -27.53
C ILE A 183 2.92 -7.03 -28.83
N ALA A 184 3.05 -7.81 -29.90
CA ALA A 184 2.46 -7.46 -31.19
C ALA A 184 0.95 -7.35 -31.01
N TYR A 185 0.38 -8.33 -30.32
CA TYR A 185 -1.06 -8.36 -30.03
C TYR A 185 -1.52 -7.08 -29.31
N LEU A 186 -0.80 -6.70 -28.25
CA LEU A 186 -1.14 -5.52 -27.46
C LEU A 186 -1.18 -4.26 -28.32
N LYS A 187 -0.20 -4.12 -29.21
CA LYS A 187 -0.14 -2.98 -30.10
C LYS A 187 -1.36 -3.04 -31.03
N GLN A 188 -1.78 -4.26 -31.36
CA GLN A 188 -2.93 -4.45 -32.24
C GLN A 188 -4.26 -4.06 -31.61
N ILE A 189 -4.36 -4.23 -30.28
CA ILE A 189 -5.60 -3.85 -29.59
C ILE A 189 -5.57 -2.44 -29.04
N GLY A 190 -4.54 -1.67 -29.40
CA GLY A 190 -4.49 -0.29 -28.96
C GLY A 190 -3.56 0.21 -27.88
N PHE A 191 -2.71 -0.64 -27.32
CA PHE A 191 -1.79 -0.17 -26.29
C PHE A 191 -0.81 0.81 -26.95
N ASP A 192 -0.57 1.95 -26.29
CA ASP A 192 0.34 2.97 -26.83
C ASP A 192 1.78 2.51 -26.77
N ALA A 193 2.10 1.71 -25.76
CA ALA A 193 3.43 1.18 -25.57
C ALA A 193 3.30 -0.20 -24.95
N ALA A 194 4.19 -1.10 -25.33
CA ALA A 194 4.16 -2.47 -24.81
C ALA A 194 5.54 -3.08 -24.84
N PHE A 195 5.90 -3.82 -23.80
CA PHE A 195 7.19 -4.47 -23.78
C PHE A 195 7.16 -5.82 -23.07
N ASN A 196 8.09 -6.67 -23.45
CA ASN A 196 8.27 -8.01 -22.89
C ASN A 196 9.09 -7.82 -21.62
N TYR A 197 8.46 -7.99 -20.45
CA TYR A 197 9.16 -7.79 -19.18
C TYR A 197 10.20 -8.87 -18.88
N LYS A 198 10.11 -9.98 -19.59
CA LYS A 198 11.04 -11.08 -19.40
C LYS A 198 12.35 -10.85 -20.13
N THR A 199 12.31 -10.03 -21.17
CA THR A 199 13.51 -9.76 -21.98
C THR A 199 14.10 -8.37 -21.79
N VAL A 200 13.60 -7.61 -20.82
CA VAL A 200 14.12 -6.27 -20.58
C VAL A 200 15.58 -6.27 -20.17
N ASN A 201 16.32 -5.24 -20.59
CA ASN A 201 17.72 -5.11 -20.20
C ASN A 201 17.66 -4.57 -18.77
N SER A 202 16.81 -3.58 -18.60
CA SER A 202 16.59 -2.92 -17.32
C SER A 202 15.10 -2.62 -17.23
N LEU A 203 14.42 -3.21 -16.24
CA LEU A 203 12.98 -2.96 -16.08
C LEU A 203 12.76 -1.47 -15.82
N GLU A 204 13.64 -0.89 -15.01
CA GLU A 204 13.59 0.52 -14.66
C GLU A 204 13.64 1.43 -15.90
N GLU A 205 14.61 1.19 -16.78
CA GLU A 205 14.77 1.98 -17.99
C GLU A 205 13.63 1.75 -19.00
N ALA A 206 13.15 0.52 -19.08
CA ALA A 206 12.06 0.19 -19.98
C ALA A 206 10.83 0.99 -19.57
N LEU A 207 10.56 1.05 -18.27
CA LEU A 207 9.44 1.80 -17.74
C LEU A 207 9.65 3.28 -18.01
N LYS A 208 10.89 3.73 -17.86
CA LYS A 208 11.23 5.12 -18.11
C LYS A 208 11.04 5.41 -19.59
N LYS A 209 11.53 4.52 -20.44
CA LYS A 209 11.40 4.68 -21.89
C LYS A 209 9.91 4.74 -22.24
N ALA A 210 9.16 3.75 -21.75
CA ALA A 210 7.71 3.70 -21.99
C ALA A 210 7.03 5.00 -21.56
N SER A 211 7.39 5.54 -20.40
CA SER A 211 6.82 6.79 -19.92
C SER A 211 7.80 7.64 -19.12
N PRO A 212 8.36 8.69 -19.75
CA PRO A 212 9.33 9.60 -19.12
C PRO A 212 8.80 10.33 -17.89
N ASP A 213 7.54 10.74 -17.94
CA ASP A 213 6.90 11.45 -16.82
C ASP A 213 6.29 10.55 -15.73
N GLY A 214 6.49 9.24 -15.83
CA GLY A 214 5.95 8.34 -14.83
C GLY A 214 4.53 7.83 -15.07
N TYR A 215 3.92 7.26 -14.04
CA TYR A 215 2.58 6.69 -14.15
C TYR A 215 1.60 7.14 -13.06
N ASP A 216 0.37 7.41 -13.47
CA ASP A 216 -0.69 7.81 -12.54
C ASP A 216 -1.32 6.59 -11.87
N CYS A 217 -1.50 5.51 -12.62
N CYS A 217 -1.43 5.50 -12.63
CA CYS A 217 -2.12 4.27 -12.09
CA CYS A 217 -2.05 4.29 -12.13
C CYS A 217 -1.41 3.01 -12.59
C CYS A 217 -1.34 3.02 -12.58
N TYR A 218 -1.24 2.06 -11.68
CA TYR A 218 -0.61 0.79 -11.99
C TYR A 218 -1.59 -0.32 -11.64
N PHE A 219 -2.06 -1.06 -12.64
CA PHE A 219 -2.98 -2.17 -12.45
C PHE A 219 -2.02 -3.36 -12.36
N ASP A 220 -1.86 -3.87 -11.14
CA ASP A 220 -0.93 -4.95 -10.84
C ASP A 220 -1.54 -6.36 -10.81
N ASN A 221 -0.97 -7.23 -11.64
CA ASN A 221 -1.38 -8.64 -11.76
C ASN A 221 -0.17 -9.52 -11.48
N VAL A 222 0.98 -8.90 -11.27
CA VAL A 222 2.24 -9.63 -11.07
C VAL A 222 2.88 -9.58 -9.67
N GLY A 223 2.98 -8.38 -9.12
CA GLY A 223 3.58 -8.20 -7.80
C GLY A 223 5.09 -8.36 -7.82
N GLY A 224 5.65 -8.59 -6.63
CA GLY A 224 7.08 -8.77 -6.49
C GLY A 224 7.98 -7.70 -7.07
N GLU A 225 9.09 -8.15 -7.67
CA GLU A 225 10.09 -7.27 -8.30
C GLU A 225 9.47 -6.23 -9.23
N PHE A 226 8.54 -6.66 -10.07
CA PHE A 226 7.89 -5.76 -11.01
C PHE A 226 7.25 -4.58 -10.26
N LEU A 227 6.37 -4.90 -9.32
CA LEU A 227 5.70 -3.90 -8.51
C LEU A 227 6.70 -2.97 -7.81
N ASN A 228 7.69 -3.56 -7.15
CA ASN A 228 8.72 -2.78 -6.46
C ASN A 228 9.40 -1.76 -7.35
N THR A 229 9.73 -2.16 -8.56
CA THR A 229 10.39 -1.26 -9.51
C THR A 229 9.41 -0.18 -9.97
N VAL A 230 8.13 -0.55 -10.12
CA VAL A 230 7.11 0.39 -10.56
C VAL A 230 6.95 1.54 -9.58
N LEU A 231 7.02 1.22 -8.29
CA LEU A 231 6.89 2.23 -7.24
C LEU A 231 7.75 3.49 -7.44
N SER A 232 8.99 3.29 -7.87
CA SER A 232 9.92 4.41 -8.10
C SER A 232 9.53 5.29 -9.29
N GLN A 233 8.63 4.80 -10.13
CA GLN A 233 8.19 5.58 -11.29
C GLN A 233 6.75 6.04 -11.26
N MET A 234 6.14 5.92 -10.09
CA MET A 234 4.77 6.38 -9.93
C MET A 234 4.83 7.89 -9.70
N LYS A 235 3.83 8.61 -10.19
CA LYS A 235 3.78 10.05 -9.98
C LYS A 235 3.32 10.20 -8.52
N ASP A 236 3.53 11.38 -7.93
CA ASP A 236 3.09 11.59 -6.57
C ASP A 236 1.59 11.31 -6.47
N PHE A 237 1.19 10.73 -5.36
CA PHE A 237 -0.21 10.37 -5.11
C PHE A 237 -0.70 9.34 -6.13
N GLY A 238 0.23 8.59 -6.72
CA GLY A 238 -0.12 7.57 -7.68
C GLY A 238 -0.92 6.48 -7.01
N LYS A 239 -1.67 5.73 -7.79
CA LYS A 239 -2.51 4.66 -7.25
C LYS A 239 -2.18 3.31 -7.86
N ILE A 240 -1.92 2.32 -7.00
CA ILE A 240 -1.62 0.95 -7.43
C ILE A 240 -2.82 0.07 -7.03
N ALA A 241 -3.40 -0.63 -7.99
CA ALA A 241 -4.53 -1.53 -7.73
C ALA A 241 -4.00 -2.95 -7.75
N ILE A 242 -3.93 -3.59 -6.59
CA ILE A 242 -3.42 -4.96 -6.50
C ILE A 242 -4.50 -5.99 -6.84
N CYS A 243 -4.38 -6.56 -8.02
CA CYS A 243 -5.32 -7.54 -8.54
C CYS A 243 -4.88 -8.99 -8.35
N GLY A 244 -3.61 -9.25 -8.61
CA GLY A 244 -3.07 -10.60 -8.45
C GLY A 244 -1.56 -10.52 -8.30
N ALA A 245 -0.91 -11.68 -8.24
CA ALA A 245 0.55 -11.72 -8.09
C ALA A 245 1.10 -13.01 -8.65
N ILE A 246 1.24 -13.05 -9.98
CA ILE A 246 1.73 -14.23 -10.68
C ILE A 246 3.22 -14.50 -10.50
N SER A 247 4.03 -13.44 -10.31
CA SER A 247 5.46 -13.60 -10.13
C SER A 247 5.79 -14.41 -8.87
N LEU A 255 8.96 -15.99 -1.92
CA LEU A 255 8.67 -14.75 -1.22
C LEU A 255 9.15 -13.54 -2.02
N PRO A 256 8.26 -12.54 -2.21
CA PRO A 256 8.62 -11.35 -2.98
C PRO A 256 9.60 -10.43 -2.22
N PRO A 257 10.51 -9.77 -2.95
CA PRO A 257 11.51 -8.86 -2.35
C PRO A 257 10.78 -7.70 -1.70
N GLY A 258 11.36 -7.11 -0.66
CA GLY A 258 10.70 -6.00 0.01
C GLY A 258 10.62 -4.69 -0.78
N PRO A 259 9.49 -3.98 -0.67
CA PRO A 259 9.27 -2.69 -1.36
C PRO A 259 10.05 -1.59 -0.66
N SER A 260 10.34 -0.51 -1.37
CA SER A 260 11.05 0.62 -0.76
C SER A 260 10.05 1.53 -0.06
N PRO A 261 10.24 1.75 1.25
CA PRO A 261 9.38 2.61 2.07
C PRO A 261 9.51 4.03 1.58
N GLU A 262 10.71 4.36 1.11
CA GLU A 262 11.05 5.68 0.62
C GLU A 262 10.11 6.18 -0.47
N SER A 263 9.83 5.32 -1.45
CA SER A 263 8.93 5.66 -2.55
C SER A 263 7.49 5.81 -2.08
N ILE A 264 7.03 4.85 -1.29
CA ILE A 264 5.66 4.87 -0.80
C ILE A 264 5.40 6.13 0.03
N ILE A 265 6.32 6.43 0.93
CA ILE A 265 6.16 7.59 1.79
C ILE A 265 6.34 8.93 1.06
N TYR A 266 7.50 9.14 0.45
CA TYR A 266 7.80 10.41 -0.23
C TYR A 266 6.93 10.76 -1.43
N LYS A 267 6.49 9.75 -2.17
CA LYS A 267 5.62 9.99 -3.32
C LYS A 267 4.16 9.89 -2.84
N GLN A 268 3.97 9.50 -1.58
CA GLN A 268 2.64 9.36 -0.99
C GLN A 268 1.71 8.48 -1.84
N LEU A 269 2.19 7.28 -2.13
CA LEU A 269 1.44 6.35 -2.96
C LEU A 269 0.31 5.63 -2.22
N ARG A 270 -0.72 5.27 -2.98
CA ARG A 270 -1.87 4.54 -2.46
C ARG A 270 -1.90 3.20 -3.17
N ILE A 271 -1.87 2.14 -2.37
CA ILE A 271 -1.90 0.75 -2.85
C ILE A 271 -3.15 0.10 -2.26
N GLU A 272 -4.00 -0.46 -3.13
CA GLU A 272 -5.22 -1.11 -2.67
C GLU A 272 -5.49 -2.44 -3.38
N GLY A 273 -5.65 -3.50 -2.59
CA GLY A 273 -5.96 -4.81 -3.14
C GLY A 273 -7.47 -4.87 -3.28
N PHE A 274 -7.97 -5.66 -4.22
CA PHE A 274 -9.42 -5.76 -4.40
C PHE A 274 -9.79 -7.09 -5.05
N ILE A 275 -11.02 -7.54 -4.79
CA ILE A 275 -11.58 -8.77 -5.35
C ILE A 275 -12.86 -8.31 -6.05
N VAL A 276 -13.06 -8.77 -7.30
CA VAL A 276 -14.22 -8.37 -8.10
C VAL A 276 -15.56 -8.64 -7.42
N TYR A 277 -15.60 -9.66 -6.57
CA TYR A 277 -16.82 -10.00 -5.87
C TYR A 277 -17.32 -8.94 -4.90
N ARG A 278 -16.49 -7.91 -4.66
CA ARG A 278 -16.86 -6.78 -3.79
C ARG A 278 -18.04 -6.01 -4.38
N TRP A 279 -18.12 -5.99 -5.71
CA TRP A 279 -19.19 -5.28 -6.41
C TRP A 279 -20.32 -6.24 -6.85
N GLN A 280 -21.54 -5.96 -6.41
CA GLN A 280 -22.71 -6.79 -6.73
C GLN A 280 -23.92 -5.91 -7.04
N GLY A 281 -25.03 -6.55 -7.38
CA GLY A 281 -26.26 -5.84 -7.68
C GLY A 281 -26.25 -4.99 -8.93
N ASP A 282 -26.87 -3.82 -8.84
CA ASP A 282 -26.99 -2.89 -9.95
C ASP A 282 -25.66 -2.43 -10.56
N VAL A 283 -24.68 -2.11 -9.72
CA VAL A 283 -23.38 -1.68 -10.21
C VAL A 283 -22.71 -2.76 -11.08
N ARG A 284 -22.87 -4.02 -10.68
N ARG A 284 -22.87 -4.02 -10.68
CA ARG A 284 -22.30 -5.14 -11.44
CA ARG A 284 -22.29 -5.12 -11.44
C ARG A 284 -23.03 -5.32 -12.77
C ARG A 284 -22.98 -5.27 -12.79
N GLU A 285 -24.36 -5.24 -12.72
N GLU A 285 -24.31 -5.31 -12.75
CA GLU A 285 -25.19 -5.39 -13.91
CA GLU A 285 -25.12 -5.43 -13.95
C GLU A 285 -24.85 -4.29 -14.91
C GLU A 285 -24.83 -4.29 -14.92
N LYS A 286 -24.64 -3.09 -14.39
CA LYS A 286 -24.30 -1.93 -15.21
C LYS A 286 -22.94 -2.11 -15.89
N ALA A 287 -21.97 -2.64 -15.14
CA ALA A 287 -20.63 -2.88 -15.67
C ALA A 287 -20.65 -3.94 -16.77
N LEU A 288 -21.51 -4.95 -16.63
CA LEU A 288 -21.61 -6.00 -17.65
C LEU A 288 -22.25 -5.44 -18.92
N ARG A 289 -23.18 -4.51 -18.76
CA ARG A 289 -23.82 -3.87 -19.90
C ARG A 289 -22.79 -3.00 -20.63
N ASP A 290 -21.95 -2.31 -19.86
CA ASP A 290 -20.90 -1.45 -20.44
C ASP A 290 -19.92 -2.31 -21.22
N LEU A 291 -19.47 -3.40 -20.61
CA LEU A 291 -18.54 -4.33 -21.24
C LEU A 291 -19.15 -4.89 -22.55
N MET A 292 -20.38 -5.35 -22.49
CA MET A 292 -21.02 -5.87 -23.70
C MET A 292 -21.17 -4.78 -24.78
N LYS A 293 -21.59 -3.59 -24.35
CA LYS A 293 -21.77 -2.48 -25.26
C LYS A 293 -20.45 -2.16 -25.96
N TRP A 294 -19.37 -2.07 -25.19
CA TRP A 294 -18.04 -1.77 -25.73
C TRP A 294 -17.56 -2.84 -26.71
N VAL A 295 -17.88 -4.10 -26.41
CA VAL A 295 -17.53 -5.20 -27.30
C VAL A 295 -18.37 -5.06 -28.60
N LEU A 296 -19.65 -4.72 -28.47
CA LEU A 296 -20.50 -4.55 -29.67
C LEU A 296 -20.09 -3.37 -30.53
N GLU A 297 -19.49 -2.36 -29.90
CA GLU A 297 -19.04 -1.17 -30.62
C GLU A 297 -17.63 -1.34 -31.19
N GLY A 298 -17.01 -2.49 -30.92
CA GLY A 298 -15.67 -2.74 -31.40
C GLY A 298 -14.62 -1.99 -30.59
N LYS A 299 -15.03 -1.40 -29.47
CA LYS A 299 -14.09 -0.67 -28.62
C LYS A 299 -13.25 -1.61 -27.77
N ILE A 300 -13.77 -2.79 -27.51
CA ILE A 300 -13.01 -3.79 -26.79
C ILE A 300 -13.00 -5.04 -27.64
N GLN A 301 -11.85 -5.33 -28.24
CA GLN A 301 -11.73 -6.52 -29.05
C GLN A 301 -11.45 -7.65 -28.08
N TYR A 302 -11.82 -8.86 -28.48
CA TYR A 302 -11.60 -10.03 -27.64
C TYR A 302 -10.90 -11.14 -28.42
N HIS A 303 -10.21 -11.99 -27.67
CA HIS A 303 -9.54 -13.14 -28.24
C HIS A 303 -9.56 -14.23 -27.18
N GLU A 304 -9.97 -15.43 -27.60
CA GLU A 304 -10.03 -16.55 -26.69
C GLU A 304 -9.05 -17.64 -27.09
N HIS A 305 -8.27 -18.10 -26.12
CA HIS A 305 -7.32 -19.17 -26.38
C HIS A 305 -8.09 -20.44 -26.03
N VAL A 306 -8.65 -21.07 -27.05
CA VAL A 306 -9.47 -22.27 -26.90
C VAL A 306 -8.73 -23.62 -26.95
N THR A 307 -9.03 -24.47 -25.97
CA THR A 307 -8.47 -25.81 -25.93
C THR A 307 -9.69 -26.71 -26.08
N LYS A 308 -9.68 -27.55 -27.11
CA LYS A 308 -10.81 -28.45 -27.34
C LYS A 308 -10.70 -29.77 -26.59
N GLY A 309 -11.80 -30.15 -25.96
CA GLY A 309 -11.85 -31.39 -25.22
C GLY A 309 -11.74 -31.25 -23.72
N PHE A 310 -12.74 -31.78 -23.02
CA PHE A 310 -12.77 -31.75 -21.57
C PHE A 310 -11.57 -32.53 -21.05
N GLU A 311 -11.12 -33.50 -21.84
CA GLU A 311 -9.96 -34.32 -21.48
C GLU A 311 -8.70 -33.47 -21.37
N ASN A 312 -8.69 -32.33 -22.04
CA ASN A 312 -7.54 -31.43 -22.05
C ASN A 312 -7.60 -30.24 -21.11
N MET A 313 -8.52 -30.26 -20.15
CA MET A 313 -8.67 -29.16 -19.20
C MET A 313 -7.46 -28.93 -18.26
N PRO A 314 -6.90 -30.01 -17.66
CA PRO A 314 -5.74 -29.80 -16.77
C PRO A 314 -4.59 -29.20 -17.57
N ALA A 315 -4.39 -29.70 -18.78
CA ALA A 315 -3.34 -29.22 -19.66
C ALA A 315 -3.61 -27.77 -20.01
N ALA A 316 -4.88 -27.45 -20.28
CA ALA A 316 -5.29 -26.09 -20.60
C ALA A 316 -4.97 -25.19 -19.41
N PHE A 317 -5.26 -25.70 -18.22
CA PHE A 317 -5.01 -25.01 -16.96
C PHE A 317 -3.50 -24.77 -16.78
N ILE A 318 -2.72 -25.81 -17.03
CA ILE A 318 -1.26 -25.73 -16.91
C ILE A 318 -0.72 -24.70 -17.91
N GLU A 319 -1.10 -24.86 -19.17
CA GLU A 319 -0.68 -23.97 -20.26
C GLU A 319 -0.98 -22.50 -19.96
N MET A 320 -2.09 -22.25 -19.28
CA MET A 320 -2.49 -20.89 -18.92
C MET A 320 -1.57 -20.34 -17.83
N LEU A 321 -1.42 -21.10 -16.75
CA LEU A 321 -0.57 -20.70 -15.63
C LEU A 321 0.86 -20.33 -16.00
N ASN A 322 1.39 -20.97 -17.04
CA ASN A 322 2.75 -20.70 -17.49
C ASN A 322 2.84 -19.57 -18.52
N GLY A 323 1.69 -18.94 -18.80
CA GLY A 323 1.63 -17.82 -19.73
C GLY A 323 1.62 -18.12 -21.21
N ALA A 324 1.26 -19.34 -21.60
CA ALA A 324 1.20 -19.68 -23.01
C ALA A 324 -0.13 -19.21 -23.60
N ASN A 325 -0.94 -18.55 -22.76
CA ASN A 325 -2.23 -18.06 -23.20
C ASN A 325 -2.31 -16.57 -23.53
N LEU A 326 -2.82 -16.31 -24.74
CA LEU A 326 -3.01 -14.95 -25.21
C LEU A 326 -4.52 -14.73 -25.06
N GLY A 327 -4.91 -13.91 -24.08
CA GLY A 327 -6.32 -13.66 -23.86
C GLY A 327 -6.94 -14.68 -22.91
N LYS A 328 -8.26 -14.81 -22.96
CA LYS A 328 -8.97 -15.73 -22.06
C LYS A 328 -8.88 -17.22 -22.41
N ALA A 329 -8.45 -18.01 -21.44
CA ALA A 329 -8.33 -19.46 -21.62
C ALA A 329 -9.73 -20.07 -21.49
N VAL A 330 -10.17 -20.73 -22.57
CA VAL A 330 -11.49 -21.36 -22.62
C VAL A 330 -11.36 -22.80 -23.13
N VAL A 331 -12.04 -23.72 -22.46
CA VAL A 331 -12.04 -25.13 -22.87
C VAL A 331 -13.43 -25.51 -23.36
N THR A 332 -13.53 -26.05 -24.57
CA THR A 332 -14.82 -26.49 -25.11
C THR A 332 -14.96 -27.94 -24.68
N ALA A 333 -16.18 -28.36 -24.34
CA ALA A 333 -16.45 -29.72 -23.88
C ALA A 333 -15.85 -30.82 -24.76
N PRO B 2 33.94 46.86 21.93
CA PRO B 2 34.70 45.60 22.19
C PRO B 2 34.02 44.38 21.57
N GLU B 3 34.54 43.96 20.42
CA GLU B 3 34.00 42.80 19.72
C GLU B 3 34.61 41.49 20.20
N PHE B 4 33.78 40.63 20.78
CA PHE B 4 34.20 39.31 21.25
C PHE B 4 33.62 38.33 20.23
N MET B 5 34.44 37.42 19.73
CA MET B 5 33.98 36.46 18.73
C MET B 5 33.21 35.25 19.25
N VAL B 6 32.26 34.81 18.43
CA VAL B 6 31.44 33.66 18.77
C VAL B 6 31.94 32.45 18.00
N LYS B 7 32.13 31.34 18.71
CA LYS B 7 32.58 30.12 18.06
C LYS B 7 31.40 29.17 17.93
N ALA B 8 31.13 28.74 16.71
CA ALA B 8 30.04 27.82 16.45
C ALA B 8 30.55 26.40 16.30
N LYS B 9 29.91 25.46 17.00
CA LYS B 9 30.28 24.07 16.88
C LYS B 9 29.18 23.42 16.06
N SER B 10 29.58 22.57 15.13
CA SER B 10 28.63 21.88 14.26
C SER B 10 29.01 20.41 14.09
N TRP B 11 28.01 19.55 14.03
CA TRP B 11 28.23 18.11 13.81
C TRP B 11 28.10 17.87 12.31
N THR B 12 29.17 17.39 11.70
CA THR B 12 29.18 17.10 10.26
C THR B 12 29.15 15.61 10.01
N LEU B 13 28.64 15.21 8.85
CA LEU B 13 28.61 13.80 8.49
C LEU B 13 29.98 13.46 7.91
N LYS B 14 30.85 12.86 8.72
CA LYS B 14 32.20 12.50 8.27
C LYS B 14 32.14 11.47 7.14
N LYS B 15 31.25 10.50 7.27
CA LYS B 15 31.10 9.46 6.26
C LYS B 15 29.64 9.01 6.20
N HIS B 16 29.16 8.71 5.00
CA HIS B 16 27.79 8.25 4.84
C HIS B 16 27.56 7.00 5.63
N PHE B 17 26.36 6.88 6.21
CA PHE B 17 26.01 5.72 7.03
C PHE B 17 26.01 4.41 6.25
N GLN B 18 26.68 3.41 6.81
CA GLN B 18 26.76 2.09 6.23
C GLN B 18 26.10 1.23 7.30
N GLY B 19 24.83 0.90 7.08
CA GLY B 19 24.11 0.15 8.09
C GLY B 19 23.76 1.12 9.21
N LYS B 20 23.84 0.65 10.46
CA LYS B 20 23.52 1.48 11.60
C LYS B 20 24.55 2.58 11.84
N PRO B 21 24.09 3.82 12.03
CA PRO B 21 25.00 4.94 12.28
C PRO B 21 25.81 4.69 13.55
N THR B 22 27.08 5.11 13.54
CA THR B 22 27.94 4.97 14.72
C THR B 22 28.58 6.32 14.97
N GLN B 23 29.16 6.48 16.16
CA GLN B 23 29.81 7.74 16.49
C GLN B 23 30.89 8.16 15.50
N SER B 24 31.63 7.18 14.97
CA SER B 24 32.70 7.46 14.02
C SER B 24 32.23 8.09 12.69
N ASP B 25 30.92 8.05 12.41
CA ASP B 25 30.39 8.64 11.17
C ASP B 25 30.23 10.16 11.25
N PHE B 26 30.40 10.71 12.45
CA PHE B 26 30.24 12.15 12.68
C PHE B 26 31.55 12.82 13.04
N GLU B 27 31.64 14.10 12.73
CA GLU B 27 32.83 14.87 13.04
C GLU B 27 32.45 16.28 13.48
N LEU B 28 32.83 16.63 14.71
CA LEU B 28 32.55 17.94 15.27
C LEU B 28 33.54 18.95 14.73
N LYS B 29 33.02 20.10 14.29
CA LYS B 29 33.85 21.18 13.75
C LYS B 29 33.53 22.43 14.55
N THR B 30 34.55 23.24 14.80
CA THR B 30 34.39 24.48 15.55
C THR B 30 34.91 25.59 14.66
N VAL B 31 34.07 26.59 14.48
CA VAL B 31 34.37 27.71 13.60
C VAL B 31 34.15 29.07 14.26
N GLU B 32 35.00 30.03 13.91
CA GLU B 32 34.86 31.40 14.42
C GLU B 32 33.85 32.10 13.51
N LEU B 33 32.76 32.59 14.08
CA LEU B 33 31.76 33.27 13.27
C LEU B 33 32.14 34.71 12.91
N PRO B 34 31.84 35.13 11.68
CA PRO B 34 32.18 36.50 11.29
C PRO B 34 31.18 37.46 11.93
N PRO B 35 31.50 38.76 11.95
CA PRO B 35 30.54 39.69 12.55
C PRO B 35 29.30 39.76 11.65
N LEU B 36 28.17 40.15 12.22
CA LEU B 36 26.93 40.23 11.45
C LEU B 36 26.94 41.42 10.50
N LYS B 37 26.37 41.23 9.32
CA LYS B 37 26.23 42.29 8.35
C LYS B 37 24.79 42.78 8.54
N ASN B 38 24.46 43.97 8.05
CA ASN B 38 23.10 44.48 8.20
C ASN B 38 22.15 43.50 7.53
N GLY B 39 21.00 43.25 8.15
CA GLY B 39 20.05 42.30 7.61
C GLY B 39 20.26 40.87 8.12
N GLU B 40 21.29 40.64 8.92
CA GLU B 40 21.56 39.30 9.46
C GLU B 40 21.27 39.22 10.96
N VAL B 41 21.15 37.98 11.46
CA VAL B 41 20.89 37.76 12.87
C VAL B 41 21.77 36.60 13.34
N LEU B 42 22.15 36.65 14.61
CA LEU B 42 22.96 35.59 15.21
C LEU B 42 22.06 34.80 16.13
N LEU B 43 22.00 33.48 15.91
CA LEU B 43 21.15 32.62 16.72
C LEU B 43 21.97 31.62 17.54
N GLU B 44 21.44 31.31 18.71
CA GLU B 44 22.07 30.36 19.64
C GLU B 44 21.07 29.24 19.86
N ALA B 45 21.45 28.01 19.54
CA ALA B 45 20.54 26.89 19.72
C ALA B 45 20.19 26.70 21.18
N LEU B 46 18.90 26.46 21.43
CA LEU B 46 18.41 26.20 22.78
C LEU B 46 18.10 24.70 22.88
N PHE B 47 17.32 24.18 21.93
CA PHE B 47 16.96 22.75 21.92
C PHE B 47 17.10 22.28 20.49
N LEU B 48 17.74 21.14 20.28
CA LEU B 48 17.89 20.61 18.93
C LEU B 48 17.22 19.26 18.79
N SER B 49 16.60 19.03 17.64
CA SER B 49 15.91 17.78 17.40
C SER B 49 16.72 16.75 16.60
N VAL B 50 16.48 15.48 16.88
CA VAL B 50 17.05 14.38 16.10
C VAL B 50 15.77 13.63 15.72
N ASP B 51 15.66 13.18 14.48
CA ASP B 51 14.43 12.53 14.02
C ASP B 51 14.72 11.37 13.08
N PRO B 52 13.78 10.42 12.97
CA PRO B 52 13.93 9.26 12.10
C PRO B 52 14.32 9.59 10.65
N TYR B 53 13.66 10.59 10.06
CA TYR B 53 13.95 10.99 8.67
C TYR B 53 15.42 11.30 8.40
N MET B 54 16.17 11.75 9.39
CA MET B 54 17.58 12.08 9.18
C MET B 54 18.43 10.92 8.65
N ARG B 55 18.07 9.68 9.01
CA ARG B 55 18.80 8.51 8.54
C ARG B 55 18.77 8.41 7.02
N ILE B 56 17.64 8.78 6.44
CA ILE B 56 17.46 8.73 4.99
C ILE B 56 17.89 10.02 4.32
N ALA B 57 17.53 11.15 4.91
CA ALA B 57 17.89 12.46 4.37
C ALA B 57 19.40 12.65 4.25
N SER B 58 20.15 12.03 5.15
CA SER B 58 21.60 12.12 5.16
C SER B 58 22.24 11.62 3.86
N LYS B 59 21.56 10.70 3.18
CA LYS B 59 22.07 10.13 1.93
C LYS B 59 22.33 11.18 0.86
N ARG B 60 21.60 12.29 0.94
CA ARG B 60 21.73 13.38 -0.02
C ARG B 60 22.75 14.44 0.37
N LEU B 61 23.33 14.29 1.55
CA LEU B 61 24.34 15.24 2.00
C LEU B 61 25.68 14.92 1.38
N LYS B 62 26.52 15.94 1.30
CA LYS B 62 27.87 15.75 0.80
C LYS B 62 28.69 15.48 2.06
N GLU B 63 29.60 14.51 2.03
CA GLU B 63 30.43 14.24 3.20
C GLU B 63 31.14 15.53 3.65
N GLY B 64 31.10 15.80 4.94
CA GLY B 64 31.70 17.01 5.47
C GLY B 64 30.65 18.08 5.78
N ALA B 65 29.44 17.89 5.25
CA ALA B 65 28.34 18.83 5.48
C ALA B 65 27.76 18.70 6.89
N VAL B 66 27.17 19.77 7.38
CA VAL B 66 26.53 19.78 8.70
C VAL B 66 25.23 18.98 8.60
N MET B 67 24.97 18.13 9.60
CA MET B 67 23.75 17.34 9.60
C MET B 67 22.52 18.25 9.62
N MET B 68 21.50 17.88 8.87
CA MET B 68 20.29 18.69 8.79
C MET B 68 19.41 18.49 10.01
N GLY B 69 18.56 19.47 10.29
CA GLY B 69 17.65 19.35 11.41
C GLY B 69 17.03 20.65 11.83
N GLN B 70 15.91 20.54 12.54
CA GLN B 70 15.23 21.72 13.05
C GLN B 70 15.66 21.95 14.51
N GLN B 71 15.60 23.20 14.96
CA GLN B 71 15.97 23.52 16.34
C GLN B 71 15.23 24.77 16.78
N VAL B 72 15.14 24.96 18.09
CA VAL B 72 14.54 26.18 18.64
C VAL B 72 15.76 26.99 19.07
N ALA B 73 15.85 28.21 18.57
CA ALA B 73 16.98 29.07 18.88
C ALA B 73 16.57 30.45 19.32
N ARG B 74 17.45 31.09 20.09
CA ARG B 74 17.23 32.46 20.55
C ARG B 74 18.09 33.37 19.68
N VAL B 75 17.52 34.50 19.30
CA VAL B 75 18.24 35.50 18.53
C VAL B 75 19.07 36.27 19.56
N VAL B 76 20.39 36.04 19.56
CA VAL B 76 21.32 36.67 20.49
C VAL B 76 21.58 38.13 20.13
N GLU B 77 21.83 38.34 18.84
CA GLU B 77 22.11 39.68 18.30
C GLU B 77 21.36 39.76 16.98
N SER B 78 20.96 40.98 16.59
CA SER B 78 20.21 41.16 15.36
C SER B 78 20.45 42.49 14.64
N LYS B 79 20.55 42.40 13.32
CA LYS B 79 20.70 43.57 12.45
C LYS B 79 19.58 43.42 11.40
N ASN B 80 18.60 42.59 11.74
CA ASN B 80 17.45 42.30 10.89
C ASN B 80 16.21 42.75 11.64
N SER B 81 15.54 43.78 11.12
CA SER B 81 14.34 44.31 11.76
C SER B 81 13.19 43.33 12.01
N ALA B 82 13.10 42.26 11.20
CA ALA B 82 12.03 41.27 11.36
C ALA B 82 12.24 40.27 12.52
N PHE B 83 13.50 40.15 12.96
CA PHE B 83 13.86 39.24 14.04
C PHE B 83 14.60 39.99 15.13
N PRO B 84 13.87 40.65 16.02
CA PRO B 84 14.59 41.39 17.07
C PRO B 84 15.37 40.51 18.03
N ALA B 85 16.40 41.10 18.62
CA ALA B 85 17.24 40.40 19.59
C ALA B 85 16.34 39.90 20.69
N GLY B 86 16.56 38.66 21.13
CA GLY B 86 15.74 38.11 22.20
C GLY B 86 14.60 37.22 21.74
N SER B 87 14.19 37.35 20.47
CA SER B 87 13.11 36.51 20.01
C SER B 87 13.50 35.04 19.84
N ILE B 88 12.50 34.18 19.98
CA ILE B 88 12.69 32.74 19.86
C ILE B 88 12.16 32.33 18.49
N VAL B 89 12.90 31.45 17.82
CA VAL B 89 12.50 31.00 16.50
C VAL B 89 12.76 29.52 16.30
N LEU B 90 11.99 28.93 15.39
CA LEU B 90 12.15 27.55 14.94
C LEU B 90 12.99 27.75 13.71
N ALA B 91 14.10 27.03 13.60
CA ALA B 91 14.97 27.18 12.45
C ALA B 91 15.51 25.84 11.96
N GLN B 92 15.71 25.74 10.63
CA GLN B 92 16.24 24.53 10.01
C GLN B 92 17.75 24.63 9.81
N SER B 93 18.45 25.18 10.80
CA SER B 93 19.90 25.37 10.71
C SER B 93 20.80 24.15 10.92
N GLY B 94 20.19 23.01 11.22
CA GLY B 94 20.96 21.79 11.40
C GLY B 94 21.61 21.64 12.78
N TRP B 95 22.52 20.67 12.88
CA TRP B 95 23.17 20.40 14.15
C TRP B 95 24.31 21.39 14.38
N THR B 96 23.97 22.56 14.91
CA THR B 96 24.96 23.60 15.20
C THR B 96 24.54 24.42 16.42
N THR B 97 25.52 24.80 17.24
CA THR B 97 25.26 25.56 18.46
C THR B 97 24.90 27.04 18.21
N HIS B 98 25.49 27.59 17.15
CA HIS B 98 25.26 29.00 16.78
C HIS B 98 25.27 29.08 15.27
N PHE B 99 24.56 30.07 14.72
CA PHE B 99 24.54 30.23 13.28
C PHE B 99 24.07 31.62 12.87
N ILE B 100 24.51 32.05 11.70
CA ILE B 100 24.11 33.38 11.23
C ILE B 100 23.12 33.20 10.09
N SER B 101 22.01 33.93 10.16
CA SER B 101 20.98 33.86 9.13
C SER B 101 20.55 35.24 8.67
N ASP B 102 20.23 35.37 7.37
CA ASP B 102 19.73 36.62 6.82
C ASP B 102 18.20 36.55 6.79
N GLY B 103 17.67 35.50 7.39
CA GLY B 103 16.23 35.32 7.42
C GLY B 103 15.91 33.96 6.83
N LYS B 104 16.82 33.46 5.98
CA LYS B 104 16.64 32.15 5.38
C LYS B 104 16.88 31.06 6.44
N GLY B 105 15.94 30.12 6.48
CA GLY B 105 16.03 29.02 7.43
C GLY B 105 15.19 29.31 8.65
N LEU B 106 14.89 30.59 8.90
CA LEU B 106 14.09 30.98 10.05
C LEU B 106 12.60 30.80 9.76
N GLU B 107 12.09 29.62 10.10
CA GLU B 107 10.71 29.26 9.84
C GLU B 107 9.66 30.13 10.53
N LYS B 108 9.85 30.41 11.82
CA LYS B 108 8.86 31.23 12.50
C LYS B 108 9.24 31.68 13.88
N LEU B 109 8.59 32.75 14.33
CA LEU B 109 8.81 33.29 15.67
C LEU B 109 7.83 32.58 16.59
N LEU B 110 8.29 32.22 17.79
CA LEU B 110 7.45 31.57 18.78
C LEU B 110 7.00 32.62 19.80
N THR B 111 6.59 33.78 19.30
CA THR B 111 6.16 34.90 20.15
C THR B 111 4.93 34.68 21.05
N GLU B 112 3.99 33.86 20.60
CA GLU B 112 2.77 33.61 21.37
C GLU B 112 2.78 32.33 22.22
N TRP B 113 3.96 31.76 22.39
CA TRP B 113 4.13 30.54 23.15
C TRP B 113 3.87 30.69 24.65
N PRO B 114 3.07 29.79 25.24
CA PRO B 114 2.77 29.84 26.68
C PRO B 114 4.04 29.47 27.48
N ASP B 115 4.40 30.30 28.45
CA ASP B 115 5.59 30.02 29.26
C ASP B 115 5.61 28.68 30.00
N LYS B 116 4.43 28.20 30.41
CA LYS B 116 4.36 26.93 31.13
C LYS B 116 4.74 25.71 30.29
N LEU B 117 4.82 25.88 28.98
CA LEU B 117 5.17 24.78 28.09
C LEU B 117 6.63 24.87 27.62
N PRO B 118 7.40 23.80 27.81
CA PRO B 118 8.80 23.86 27.37
C PRO B 118 8.85 24.12 25.86
N LEU B 119 9.70 25.08 25.46
CA LEU B 119 9.82 25.46 24.05
C LEU B 119 10.07 24.28 23.12
N SER B 120 10.75 23.25 23.62
CA SER B 120 11.05 22.06 22.82
C SER B 120 9.80 21.28 22.35
N LEU B 121 8.64 21.59 22.91
CA LEU B 121 7.41 20.93 22.47
C LEU B 121 7.17 21.38 21.02
N ALA B 122 7.76 22.50 20.63
CA ALA B 122 7.64 23.03 19.26
C ALA B 122 8.36 22.13 18.24
N LEU B 123 9.16 21.20 18.75
CA LEU B 123 9.92 20.25 17.92
C LEU B 123 9.25 18.86 17.99
N GLY B 124 8.23 18.74 18.82
CA GLY B 124 7.58 17.45 19.01
C GLY B 124 6.07 17.44 18.96
N THR B 125 5.43 17.27 20.11
CA THR B 125 3.96 17.20 20.21
C THR B 125 3.22 18.39 19.59
N ILE B 126 3.78 19.59 19.71
CA ILE B 126 3.19 20.78 19.12
C ILE B 126 4.15 21.24 18.00
N GLY B 127 4.56 20.27 17.17
CA GLY B 127 5.48 20.52 16.08
C GLY B 127 5.30 19.43 15.05
N MET B 128 6.31 19.24 14.19
N MET B 128 6.30 19.24 14.18
CA MET B 128 6.20 18.23 13.13
CA MET B 128 6.19 18.24 13.11
C MET B 128 5.73 16.84 13.53
C MET B 128 5.73 16.83 13.51
N PRO B 129 6.28 16.24 14.60
CA PRO B 129 5.84 14.88 14.98
C PRO B 129 4.35 14.86 15.36
N GLY B 130 3.92 15.88 16.10
CA GLY B 130 2.52 15.98 16.51
C GLY B 130 1.62 16.20 15.30
N LEU B 131 2.09 16.95 14.30
CA LEU B 131 1.31 17.20 13.09
C LEU B 131 1.22 15.92 12.25
N THR B 132 2.32 15.19 12.19
CA THR B 132 2.38 13.92 11.47
C THR B 132 1.34 12.96 12.05
N ALA B 133 1.25 12.91 13.38
CA ALA B 133 0.29 12.05 14.05
C ALA B 133 -1.15 12.50 13.79
N TYR B 134 -1.38 13.79 13.94
CA TYR B 134 -2.70 14.39 13.73
C TYR B 134 -3.27 14.07 12.36
N PHE B 135 -2.53 14.41 11.31
CA PHE B 135 -3.00 14.18 9.95
C PHE B 135 -2.95 12.72 9.52
N GLY B 136 -1.96 11.97 10.02
CA GLY B 136 -1.85 10.58 9.69
C GLY B 136 -3.07 9.81 10.19
N LEU B 137 -3.50 10.13 11.40
CA LEU B 137 -4.64 9.46 12.01
C LEU B 137 -5.99 9.97 11.56
N LEU B 138 -6.15 11.29 11.54
CA LEU B 138 -7.41 11.93 11.19
C LEU B 138 -7.70 12.04 9.69
N GLU B 139 -6.65 12.07 8.87
CA GLU B 139 -6.85 12.17 7.43
C GLU B 139 -6.54 10.92 6.65
N VAL B 140 -5.45 10.23 6.99
CA VAL B 140 -5.07 9.03 6.27
C VAL B 140 -5.84 7.80 6.78
N CYS B 141 -5.76 7.53 8.09
CA CYS B 141 -6.51 6.43 8.67
C CYS B 141 -7.98 6.82 8.54
N GLY B 142 -8.22 8.13 8.65
CA GLY B 142 -9.56 8.69 8.54
C GLY B 142 -10.55 8.21 9.59
N VAL B 143 -10.13 8.21 10.86
CA VAL B 143 -10.98 7.77 11.96
C VAL B 143 -12.15 8.68 12.26
N LYS B 144 -13.27 8.07 12.66
CA LYS B 144 -14.49 8.79 12.97
C LYS B 144 -14.94 8.45 14.40
N GLY B 145 -14.34 7.40 14.96
CA GLY B 145 -14.67 6.97 16.30
C GLY B 145 -15.13 5.53 16.31
N GLY B 146 -14.74 4.77 17.32
CA GLY B 146 -15.15 3.38 17.41
C GLY B 146 -14.22 2.37 16.79
N GLU B 147 -13.30 2.82 15.92
CA GLU B 147 -12.36 1.93 15.27
C GLU B 147 -11.33 1.43 16.27
N THR B 148 -10.66 0.34 15.92
CA THR B 148 -9.58 -0.20 16.75
C THR B 148 -8.32 0.15 15.97
N VAL B 149 -7.50 1.02 16.57
CA VAL B 149 -6.27 1.48 15.94
C VAL B 149 -5.04 0.84 16.56
N LEU B 150 -4.13 0.37 15.68
CA LEU B 150 -2.87 -0.22 16.12
C LEU B 150 -1.77 0.78 15.70
N VAL B 151 -0.82 1.04 16.59
CA VAL B 151 0.26 1.96 16.27
C VAL B 151 1.59 1.37 16.74
N SER B 152 2.54 1.28 15.80
CA SER B 152 3.88 0.77 16.11
C SER B 152 4.76 1.91 16.63
N ALA B 153 5.87 1.58 17.30
CA ALA B 153 6.75 2.59 17.91
C ALA B 153 5.84 3.51 18.70
N ALA B 154 4.87 2.90 19.39
CA ALA B 154 3.85 3.60 20.14
C ALA B 154 4.31 4.61 21.19
N ALA B 155 5.49 4.43 21.76
CA ALA B 155 5.98 5.37 22.77
C ALA B 155 6.93 6.42 22.21
N GLY B 156 7.10 6.41 20.89
CA GLY B 156 7.95 7.39 20.24
C GLY B 156 7.20 8.72 20.14
N ALA B 157 7.84 9.72 19.56
CA ALA B 157 7.23 11.05 19.43
C ALA B 157 5.89 11.03 18.69
N VAL B 158 5.84 10.36 17.54
CA VAL B 158 4.60 10.28 16.75
C VAL B 158 3.54 9.37 17.35
N GLY B 159 3.94 8.13 17.63
CA GLY B 159 3.04 7.13 18.18
C GLY B 159 2.32 7.53 19.44
N SER B 160 3.03 8.19 20.36
CA SER B 160 2.43 8.63 21.61
C SER B 160 1.27 9.61 21.37
N VAL B 161 1.45 10.48 20.37
CA VAL B 161 0.41 11.44 20.02
C VAL B 161 -0.74 10.74 19.28
N VAL B 162 -0.41 9.83 18.38
CA VAL B 162 -1.44 9.10 17.63
C VAL B 162 -2.44 8.41 18.56
N GLY B 163 -1.89 7.66 19.52
CA GLY B 163 -2.75 6.94 20.44
C GLY B 163 -3.62 7.83 21.28
N GLN B 164 -3.10 8.98 21.65
CA GLN B 164 -3.87 9.91 22.47
C GLN B 164 -4.98 10.64 21.72
N ILE B 165 -4.72 10.97 20.46
CA ILE B 165 -5.75 11.64 19.66
C ILE B 165 -6.81 10.59 19.34
N ALA B 166 -6.38 9.36 19.11
CA ALA B 166 -7.30 8.27 18.83
C ALA B 166 -8.25 8.09 20.00
N LYS B 167 -7.73 8.12 21.22
CA LYS B 167 -8.55 7.97 22.42
C LYS B 167 -9.54 9.10 22.57
N LEU B 168 -9.15 10.33 22.26
CA LEU B 168 -10.08 11.43 22.40
C LEU B 168 -11.17 11.34 21.34
N LYS B 169 -10.89 10.57 20.28
CA LYS B 169 -11.86 10.38 19.21
C LYS B 169 -12.74 9.15 19.45
N GLY B 170 -12.61 8.53 20.62
CA GLY B 170 -13.42 7.37 20.95
C GLY B 170 -12.99 6.06 20.31
N CYS B 171 -11.72 5.95 19.95
CA CYS B 171 -11.19 4.73 19.33
C CYS B 171 -10.56 3.82 20.36
N LYS B 172 -10.41 2.54 20.00
CA LYS B 172 -9.75 1.58 20.85
C LYS B 172 -8.31 1.63 20.30
N VAL B 173 -7.32 1.75 21.18
CA VAL B 173 -5.92 1.87 20.76
C VAL B 173 -5.00 0.80 21.34
N VAL B 174 -4.19 0.22 20.46
CA VAL B 174 -3.23 -0.82 20.82
C VAL B 174 -1.85 -0.31 20.43
N GLY B 175 -0.91 -0.38 21.37
CA GLY B 175 0.42 0.10 21.08
C GLY B 175 1.47 -0.97 21.14
N ALA B 176 2.29 -1.02 20.11
CA ALA B 176 3.40 -1.97 20.05
C ALA B 176 4.62 -1.10 20.33
N ALA B 177 5.21 -1.31 21.51
CA ALA B 177 6.36 -0.53 21.97
C ALA B 177 7.59 -1.41 22.19
N GLY B 178 8.75 -0.79 22.34
CA GLY B 178 9.98 -1.56 22.50
C GLY B 178 10.53 -1.88 23.87
N SER B 179 9.77 -1.65 24.94
CA SER B 179 10.27 -1.92 26.28
C SER B 179 9.11 -2.10 27.26
N ASP B 180 9.40 -2.73 28.40
CA ASP B 180 8.38 -2.94 29.42
C ASP B 180 8.00 -1.62 30.08
N GLU B 181 8.99 -0.74 30.28
CA GLU B 181 8.73 0.58 30.88
C GLU B 181 7.76 1.34 29.98
N LYS B 182 7.94 1.19 28.67
CA LYS B 182 7.07 1.84 27.71
C LYS B 182 5.63 1.33 27.78
N ILE B 183 5.45 0.04 28.04
CA ILE B 183 4.11 -0.55 28.15
C ILE B 183 3.35 0.14 29.28
N ALA B 184 4.03 0.25 30.43
CA ALA B 184 3.45 0.88 31.61
C ALA B 184 3.05 2.31 31.30
N TYR B 185 3.95 3.04 30.64
CA TYR B 185 3.70 4.44 30.26
C TYR B 185 2.47 4.59 29.37
N LEU B 186 2.40 3.78 28.30
CA LEU B 186 1.29 3.84 27.36
C LEU B 186 -0.06 3.61 28.04
N LYS B 187 -0.08 2.64 28.95
CA LYS B 187 -1.29 2.33 29.68
C LYS B 187 -1.70 3.50 30.57
N GLN B 188 -0.71 4.16 31.17
CA GLN B 188 -0.96 5.30 32.04
C GLN B 188 -1.51 6.51 31.27
N ILE B 189 -1.11 6.67 30.00
CA ILE B 189 -1.63 7.78 29.21
C ILE B 189 -2.92 7.46 28.46
N GLY B 190 -3.44 6.25 28.63
CA GLY B 190 -4.71 5.94 27.99
C GLY B 190 -4.84 4.87 26.93
N PHE B 191 -3.74 4.23 26.52
CA PHE B 191 -3.80 3.16 25.52
C PHE B 191 -4.60 1.99 26.11
N ASP B 192 -5.45 1.36 25.31
CA ASP B 192 -6.25 0.25 25.80
C ASP B 192 -5.44 -1.01 25.98
N ALA B 193 -4.47 -1.22 25.11
CA ALA B 193 -3.60 -2.38 25.18
C ALA B 193 -2.21 -2.00 24.66
N ALA B 194 -1.19 -2.70 25.12
CA ALA B 194 0.18 -2.44 24.71
C ALA B 194 1.07 -3.63 25.01
N PHE B 195 1.94 -3.99 24.06
CA PHE B 195 2.85 -5.11 24.26
C PHE B 195 4.24 -4.75 23.75
N ASN B 196 5.23 -5.45 24.28
CA ASN B 196 6.64 -5.27 23.92
C ASN B 196 6.93 -6.11 22.68
N TYR B 197 6.88 -5.49 21.49
CA TYR B 197 7.13 -6.25 20.27
C TYR B 197 8.54 -6.79 20.10
N LYS B 198 9.43 -6.42 21.02
CA LYS B 198 10.81 -6.90 20.95
C LYS B 198 11.04 -8.13 21.80
N THR B 199 10.12 -8.43 22.70
CA THR B 199 10.31 -9.58 23.58
C THR B 199 9.18 -10.60 23.59
N VAL B 200 7.99 -10.20 23.16
CA VAL B 200 6.84 -11.11 23.14
C VAL B 200 7.21 -12.34 22.31
N ASN B 201 6.84 -13.53 22.79
CA ASN B 201 7.17 -14.77 22.09
C ASN B 201 6.61 -14.85 20.68
N SER B 202 5.36 -14.42 20.53
CA SER B 202 4.72 -14.43 19.22
C SER B 202 3.99 -13.12 18.94
N LEU B 203 4.46 -12.41 17.91
CA LEU B 203 3.86 -11.13 17.52
C LEU B 203 2.40 -11.37 17.10
N GLU B 204 2.17 -12.50 16.44
CA GLU B 204 0.83 -12.89 15.99
C GLU B 204 -0.12 -13.05 17.17
N GLU B 205 0.31 -13.76 18.20
CA GLU B 205 -0.53 -13.99 19.38
C GLU B 205 -0.75 -12.70 20.16
N ALA B 206 0.27 -11.84 20.22
CA ALA B 206 0.14 -10.57 20.95
C ALA B 206 -0.92 -9.68 20.31
N LEU B 207 -0.91 -9.62 18.98
CA LEU B 207 -1.88 -8.82 18.22
C LEU B 207 -3.28 -9.39 18.38
N LYS B 208 -3.38 -10.71 18.30
CA LYS B 208 -4.67 -11.40 18.45
C LYS B 208 -5.24 -11.15 19.84
N LYS B 209 -4.39 -11.25 20.85
CA LYS B 209 -4.80 -11.04 22.24
C LYS B 209 -5.28 -9.62 22.45
N ALA B 210 -4.49 -8.66 21.96
CA ALA B 210 -4.80 -7.24 22.09
C ALA B 210 -6.12 -6.87 21.42
N SER B 211 -6.46 -7.55 20.33
CA SER B 211 -7.69 -7.29 19.61
C SER B 211 -8.12 -8.54 18.84
N PRO B 212 -9.01 -9.34 19.43
CA PRO B 212 -9.52 -10.58 18.81
C PRO B 212 -10.21 -10.36 17.46
N ASP B 213 -10.90 -9.23 17.30
CA ASP B 213 -11.60 -8.95 16.06
C ASP B 213 -10.72 -8.30 14.98
N GLY B 214 -9.45 -8.06 15.30
CA GLY B 214 -8.57 -7.46 14.31
C GLY B 214 -8.49 -5.94 14.38
N TYR B 215 -7.85 -5.34 13.38
CA TYR B 215 -7.64 -3.90 13.34
C TYR B 215 -8.20 -3.14 12.15
N ASP B 216 -8.80 -1.97 12.44
CA ASP B 216 -9.37 -1.08 11.42
C ASP B 216 -8.26 -0.25 10.72
N CYS B 217 -7.32 0.33 11.50
N CYS B 217 -7.29 0.21 11.52
CA CYS B 217 -6.18 1.07 10.91
CA CYS B 217 -6.20 1.04 11.02
C CYS B 217 -4.89 0.73 11.65
C CYS B 217 -4.88 0.66 11.67
N TYR B 218 -3.80 0.77 10.91
CA TYR B 218 -2.50 0.48 11.44
C TYR B 218 -1.68 1.71 11.10
N PHE B 219 -1.31 2.48 12.13
CA PHE B 219 -0.46 3.65 11.91
C PHE B 219 0.94 3.06 11.98
N ASP B 220 1.56 2.90 10.81
CA ASP B 220 2.88 2.29 10.70
C ASP B 220 4.08 3.24 10.75
N ASN B 221 4.90 3.06 11.79
CA ASN B 221 6.10 3.84 11.98
C ASN B 221 7.34 2.99 11.77
N VAL B 222 7.15 1.67 11.68
CA VAL B 222 8.28 0.74 11.59
C VAL B 222 8.54 -0.03 10.29
N GLY B 223 7.48 -0.41 9.58
CA GLY B 223 7.63 -1.17 8.35
C GLY B 223 8.21 -2.56 8.56
N GLY B 224 8.93 -3.05 7.55
CA GLY B 224 9.58 -4.35 7.63
C GLY B 224 8.77 -5.56 8.00
N GLU B 225 9.40 -6.49 8.72
CA GLU B 225 8.77 -7.74 9.15
C GLU B 225 7.50 -7.51 9.98
N PHE B 226 7.53 -6.53 10.89
CA PHE B 226 6.36 -6.22 11.73
C PHE B 226 5.15 -5.88 10.88
N LEU B 227 5.32 -4.98 9.91
CA LEU B 227 4.24 -4.60 9.01
C LEU B 227 3.67 -5.84 8.33
N ASN B 228 4.56 -6.67 7.78
CA ASN B 228 4.12 -7.89 7.09
C ASN B 228 3.24 -8.73 8.03
N THR B 229 3.65 -8.84 9.29
CA THR B 229 2.91 -9.62 10.28
C THR B 229 1.54 -9.02 10.59
N VAL B 230 1.46 -7.69 10.62
CA VAL B 230 0.20 -7.00 10.91
C VAL B 230 -0.90 -7.24 9.86
N LEU B 231 -0.51 -7.35 8.59
CA LEU B 231 -1.51 -7.53 7.53
C LEU B 231 -2.51 -8.65 7.80
N SER B 232 -2.05 -9.78 8.33
CA SER B 232 -2.93 -10.92 8.62
C SER B 232 -3.97 -10.61 9.68
N GLN B 233 -3.74 -9.56 10.46
CA GLN B 233 -4.65 -9.17 11.54
C GLN B 233 -5.57 -8.03 11.17
N MET B 234 -5.37 -7.46 9.99
CA MET B 234 -6.21 -6.35 9.58
C MET B 234 -7.63 -6.82 9.27
N LYS B 235 -8.60 -5.95 9.52
CA LYS B 235 -9.98 -6.25 9.19
C LYS B 235 -10.12 -6.02 7.69
N ASP B 236 -11.14 -6.60 7.08
CA ASP B 236 -11.35 -6.41 5.64
C ASP B 236 -11.50 -4.92 5.37
N PHE B 237 -10.86 -4.45 4.30
CA PHE B 237 -10.90 -3.02 3.90
C PHE B 237 -10.10 -2.16 4.89
N GLY B 238 -9.22 -2.80 5.66
CA GLY B 238 -8.41 -2.10 6.64
C GLY B 238 -7.45 -1.11 6.00
N LYS B 239 -7.17 -0.02 6.72
CA LYS B 239 -6.29 1.01 6.21
C LYS B 239 -4.96 1.05 6.96
N ILE B 240 -3.85 1.09 6.21
CA ILE B 240 -2.53 1.17 6.81
C ILE B 240 -1.91 2.50 6.38
N ALA B 241 -1.62 3.35 7.37
CA ALA B 241 -1.00 4.63 7.10
C ALA B 241 0.50 4.48 7.25
N ILE B 242 1.23 4.53 6.13
CA ILE B 242 2.68 4.38 6.15
C ILE B 242 3.30 5.72 6.47
N CYS B 243 3.78 5.84 7.69
CA CYS B 243 4.37 7.08 8.18
C CYS B 243 5.89 7.06 8.17
N GLY B 244 6.45 5.92 8.55
CA GLY B 244 7.88 5.73 8.59
C GLY B 244 8.18 4.25 8.52
N ALA B 245 9.46 3.90 8.37
CA ALA B 245 9.87 2.51 8.28
C ALA B 245 11.20 2.32 9.00
N ILE B 246 11.20 2.70 10.27
CA ILE B 246 12.41 2.62 11.07
C ILE B 246 13.13 1.27 11.11
N SER B 247 12.39 0.16 11.03
CA SER B 247 13.06 -1.14 11.08
C SER B 247 13.91 -1.48 9.85
N VAL B 248 13.81 -0.68 8.78
CA VAL B 248 14.56 -0.96 7.56
C VAL B 248 15.42 0.20 7.05
N TYR B 249 15.41 1.32 7.77
CA TYR B 249 16.20 2.49 7.40
C TYR B 249 17.71 2.19 7.35
N ASN B 250 18.15 1.19 8.10
CA ASN B 250 19.56 0.81 8.12
C ASN B 250 19.92 -0.30 7.13
N ARG B 251 18.96 -0.72 6.32
CA ARG B 251 19.18 -1.80 5.35
C ARG B 251 18.32 -1.60 4.09
N MET B 252 18.25 -0.36 3.64
CA MET B 252 17.47 -0.01 2.46
C MET B 252 17.99 -0.72 1.21
N ASP B 253 19.25 -1.14 1.26
CA ASP B 253 19.89 -1.85 0.15
C ASP B 253 19.77 -3.38 0.27
N GLN B 254 19.29 -3.85 1.42
CA GLN B 254 19.14 -5.28 1.69
C GLN B 254 17.86 -5.46 2.49
N LEU B 255 16.75 -5.14 1.87
CA LEU B 255 15.45 -5.23 2.52
C LEU B 255 14.98 -6.67 2.71
N PRO B 256 14.17 -6.89 3.76
CA PRO B 256 13.63 -8.23 4.06
C PRO B 256 12.50 -8.48 3.07
N PRO B 257 11.93 -9.71 3.07
CA PRO B 257 10.83 -10.05 2.16
C PRO B 257 9.68 -9.06 2.37
N GLY B 258 8.90 -8.83 1.32
CA GLY B 258 7.79 -7.90 1.39
C GLY B 258 6.48 -8.46 1.90
N PRO B 259 5.42 -7.64 1.94
CA PRO B 259 4.10 -8.04 2.41
C PRO B 259 3.41 -9.03 1.48
N SER B 260 2.60 -9.90 2.06
CA SER B 260 1.87 -10.91 1.30
C SER B 260 0.85 -10.29 0.35
N PRO B 261 1.01 -10.55 -0.97
CA PRO B 261 0.06 -9.99 -1.94
C PRO B 261 -1.30 -10.60 -1.64
N GLU B 262 -1.28 -11.85 -1.20
CA GLU B 262 -2.52 -12.57 -0.90
C GLU B 262 -3.32 -11.90 0.21
N SER B 263 -2.65 -11.41 1.25
CA SER B 263 -3.34 -10.74 2.34
C SER B 263 -3.95 -9.41 1.91
N ILE B 264 -3.18 -8.67 1.11
CA ILE B 264 -3.62 -7.36 0.61
C ILE B 264 -4.84 -7.53 -0.31
N ILE B 265 -4.78 -8.52 -1.20
CA ILE B 265 -5.87 -8.79 -2.14
C ILE B 265 -7.13 -9.31 -1.45
N TYR B 266 -7.02 -10.45 -0.77
CA TYR B 266 -8.16 -11.07 -0.11
C TYR B 266 -8.79 -10.28 1.02
N LYS B 267 -7.98 -9.52 1.74
CA LYS B 267 -8.50 -8.70 2.82
C LYS B 267 -8.87 -7.32 2.26
N GLN B 268 -8.51 -7.10 0.99
CA GLN B 268 -8.76 -5.84 0.29
C GLN B 268 -8.29 -4.62 1.10
N LEU B 269 -7.02 -4.65 1.48
CA LEU B 269 -6.43 -3.59 2.28
C LEU B 269 -6.04 -2.37 1.47
N ARG B 270 -5.98 -1.23 2.16
CA ARG B 270 -5.61 0.03 1.55
C ARG B 270 -4.39 0.56 2.29
N ILE B 271 -3.29 0.74 1.56
CA ILE B 271 -2.04 1.22 2.12
C ILE B 271 -1.76 2.60 1.50
N GLU B 272 -1.43 3.57 2.35
CA GLU B 272 -1.14 4.91 1.85
C GLU B 272 0.05 5.57 2.57
N GLY B 273 1.02 6.03 1.79
CA GLY B 273 2.15 6.74 2.38
C GLY B 273 1.76 8.20 2.47
N PHE B 274 2.36 8.94 3.40
CA PHE B 274 2.07 10.37 3.54
C PHE B 274 3.21 11.07 4.26
N ILE B 275 3.33 12.36 3.99
CA ILE B 275 4.33 13.19 4.65
C ILE B 275 3.56 14.42 5.11
N VAL B 276 3.89 14.90 6.31
CA VAL B 276 3.24 16.06 6.90
C VAL B 276 3.24 17.30 5.99
N TYR B 277 4.19 17.38 5.07
CA TYR B 277 4.28 18.52 4.13
C TYR B 277 2.98 18.67 3.31
N ARG B 278 2.23 17.58 3.16
CA ARG B 278 0.98 17.59 2.38
C ARG B 278 -0.05 18.59 2.94
N TRP B 279 0.03 18.91 4.23
CA TRP B 279 -0.90 19.85 4.84
C TRP B 279 -0.19 21.16 5.20
N GLN B 280 -0.60 22.23 4.53
CA GLN B 280 -0.01 23.56 4.73
C GLN B 280 -1.09 24.60 5.01
N GLY B 281 -0.66 25.83 5.27
CA GLY B 281 -1.61 26.91 5.52
C GLY B 281 -2.52 26.80 6.73
N ASP B 282 -3.74 27.29 6.57
CA ASP B 282 -4.76 27.29 7.63
C ASP B 282 -5.03 25.93 8.24
N VAL B 283 -4.97 24.87 7.44
CA VAL B 283 -5.21 23.52 7.94
C VAL B 283 -4.14 23.10 8.93
N ARG B 284 -2.88 23.45 8.65
CA ARG B 284 -1.76 23.13 9.53
C ARG B 284 -1.85 23.98 10.79
N GLU B 285 -2.25 25.25 10.64
CA GLU B 285 -2.37 26.15 11.77
C GLU B 285 -3.45 25.67 12.73
N LYS B 286 -4.56 25.18 12.17
CA LYS B 286 -5.66 24.66 12.96
C LYS B 286 -5.19 23.44 13.77
N ALA B 287 -4.41 22.57 13.13
CA ALA B 287 -3.89 21.37 13.80
C ALA B 287 -3.00 21.77 14.96
N LEU B 288 -2.09 22.71 14.73
CA LEU B 288 -1.18 23.20 15.77
C LEU B 288 -1.97 23.80 16.93
N ARG B 289 -3.00 24.59 16.62
CA ARG B 289 -3.83 25.16 17.67
C ARG B 289 -4.52 24.05 18.44
N ASP B 290 -5.03 23.05 17.72
CA ASP B 290 -5.68 21.90 18.37
C ASP B 290 -4.69 21.17 19.27
N LEU B 291 -3.47 20.95 18.78
CA LEU B 291 -2.45 20.25 19.55
C LEU B 291 -2.10 21.02 20.83
N MET B 292 -1.91 22.32 20.71
CA MET B 292 -1.57 23.13 21.87
C MET B 292 -2.73 23.15 22.88
N LYS B 293 -3.96 23.27 22.38
CA LYS B 293 -5.12 23.30 23.26
C LYS B 293 -5.20 21.98 24.03
N TRP B 294 -5.05 20.89 23.30
CA TRP B 294 -5.09 19.56 23.91
C TRP B 294 -4.02 19.34 24.97
N VAL B 295 -2.81 19.86 24.73
CA VAL B 295 -1.73 19.75 25.69
C VAL B 295 -2.05 20.60 26.93
N LEU B 296 -2.53 21.82 26.71
CA LEU B 296 -2.85 22.72 27.83
C LEU B 296 -3.97 22.15 28.70
N GLU B 297 -4.89 21.42 28.07
CA GLU B 297 -6.02 20.82 28.79
C GLU B 297 -5.68 19.49 29.45
N GLY B 298 -4.55 18.90 29.05
CA GLY B 298 -4.17 17.63 29.63
C GLY B 298 -4.71 16.42 28.86
N LYS B 299 -5.37 16.68 27.74
CA LYS B 299 -5.93 15.60 26.92
C LYS B 299 -4.78 14.85 26.20
N ILE B 300 -3.69 15.56 25.94
CA ILE B 300 -2.51 14.96 25.34
C ILE B 300 -1.37 15.21 26.30
N GLN B 301 -0.91 14.14 26.94
CA GLN B 301 0.20 14.21 27.87
C GLN B 301 1.47 14.06 27.06
N TYR B 302 2.57 14.56 27.60
CA TYR B 302 3.82 14.45 26.88
C TYR B 302 4.98 14.11 27.76
N HIS B 303 6.00 13.56 27.13
CA HIS B 303 7.22 13.24 27.79
C HIS B 303 8.35 13.49 26.80
N GLU B 304 9.33 14.25 27.22
CA GLU B 304 10.47 14.54 26.36
C GLU B 304 11.65 13.71 26.82
N HIS B 305 12.31 13.08 25.85
CA HIS B 305 13.49 12.28 26.14
C HIS B 305 14.66 13.23 25.91
N VAL B 306 15.04 13.94 26.95
CA VAL B 306 16.07 14.95 26.89
C VAL B 306 17.51 14.53 27.14
N THR B 307 18.38 14.80 26.18
CA THR B 307 19.81 14.51 26.29
C THR B 307 20.48 15.87 26.47
N LYS B 308 21.19 16.06 27.58
CA LYS B 308 21.85 17.33 27.85
C LYS B 308 23.22 17.42 27.19
N GLY B 309 23.45 18.53 26.48
CA GLY B 309 24.75 18.75 25.86
C GLY B 309 24.85 18.50 24.37
N PHE B 310 25.24 19.55 23.64
CA PHE B 310 25.39 19.46 22.18
C PHE B 310 26.36 18.34 21.77
N GLU B 311 27.42 18.15 22.55
CA GLU B 311 28.42 17.11 22.30
C GLU B 311 27.84 15.68 22.31
N ASN B 312 26.60 15.53 22.77
CA ASN B 312 25.98 14.20 22.84
C ASN B 312 24.92 14.02 21.77
N MET B 313 24.87 14.93 20.80
CA MET B 313 23.85 14.84 19.76
C MET B 313 23.90 13.56 18.95
N PRO B 314 25.09 13.14 18.48
CA PRO B 314 25.11 11.89 17.69
C PRO B 314 24.57 10.68 18.47
N ALA B 315 24.93 10.56 19.74
CA ALA B 315 24.41 9.44 20.55
C ALA B 315 22.88 9.54 20.70
N ALA B 316 22.39 10.76 20.87
CA ALA B 316 20.95 10.98 20.99
C ALA B 316 20.27 10.50 19.70
N PHE B 317 20.89 10.81 18.56
CA PHE B 317 20.39 10.41 17.24
C PHE B 317 20.40 8.88 17.12
N ILE B 318 21.52 8.25 17.48
CA ILE B 318 21.65 6.80 17.42
C ILE B 318 20.59 6.09 18.27
N GLU B 319 20.41 6.55 19.51
CA GLU B 319 19.40 6.00 20.42
C GLU B 319 17.98 6.10 19.84
N MET B 320 17.62 7.28 19.34
CA MET B 320 16.31 7.52 18.75
C MET B 320 16.10 6.61 17.52
N LEU B 321 17.15 6.43 16.72
CA LEU B 321 17.04 5.57 15.55
C LEU B 321 16.76 4.14 15.96
N ASN B 322 17.25 3.74 17.13
CA ASN B 322 17.00 2.41 17.66
C ASN B 322 15.58 2.29 18.20
N GLY B 323 14.88 3.42 18.24
CA GLY B 323 13.51 3.45 18.75
C GLY B 323 13.44 3.35 20.26
N ALA B 324 14.57 3.62 20.92
CA ALA B 324 14.73 3.53 22.38
C ALA B 324 14.29 4.74 23.21
N ASN B 325 14.04 5.86 22.54
CA ASN B 325 13.60 7.07 23.23
C ASN B 325 12.12 6.89 23.62
N LEU B 326 11.74 7.44 24.76
CA LEU B 326 10.36 7.40 25.20
C LEU B 326 9.96 8.87 25.08
N GLY B 327 9.13 9.19 24.09
CA GLY B 327 8.76 10.58 23.89
C GLY B 327 9.77 11.20 22.95
N LYS B 328 9.55 12.46 22.58
CA LYS B 328 10.43 13.17 21.65
C LYS B 328 11.88 13.25 22.11
N ALA B 329 12.79 12.88 21.22
CA ALA B 329 14.21 12.98 21.52
C ALA B 329 14.57 14.44 21.31
N VAL B 330 15.06 15.07 22.37
CA VAL B 330 15.42 16.49 22.37
C VAL B 330 16.83 16.69 22.94
N VAL B 331 17.68 17.44 22.28
CA VAL B 331 19.03 17.73 22.80
C VAL B 331 19.10 19.20 23.25
N THR B 332 19.51 19.41 24.50
CA THR B 332 19.68 20.77 25.04
C THR B 332 21.15 21.14 24.76
N ALA B 333 21.39 22.29 24.16
CA ALA B 333 22.75 22.71 23.79
C ALA B 333 23.80 22.84 24.91
#